data_2KMK
#
_entry.id   2KMK
#
loop_
_entity.id
_entity.type
_entity.pdbx_description
1 polymer 'Zinc finger protein Gfi-1'
2 polymer "DNA (5'-D(*CP*AP*TP*AP*AP*AP*TP*CP*AP*CP*TP*GP*CP*CP*TP*A)-3')"
3 polymer "DNA (5'-D(*TP*AP*GP*GP*CP*AP*GP*TP*GP*AP*TP*TP*TP*AP*TP*G)-3')"
4 non-polymer 'ZINC ION'
#
loop_
_entity_poly.entity_id
_entity_poly.type
_entity_poly.pdbx_seq_one_letter_code
_entity_poly.pdbx_strand_id
1 'polypeptide(L)'
;SFDCKICGKSFKRSSTLSTHLLIHSDTRPYPCQYCGKRFHQKSDMKKHTFIHTGEKPHKCQVCGKAFSQSSNLITHSRKH
TG
;
A
2 'polydeoxyribonucleotide' (DC)(DA)(DT)(DA)(DA)(DA)(DT)(DC)(DA)(DC)(DT)(DG)(DC)(DC)(DT)(DA) B
3 'polydeoxyribonucleotide' (DT)(DA)(DG)(DG)(DC)(DA)(DG)(DT)(DG)(DA)(DT)(DT)(DT)(DA)(DT)(DG) C
#
loop_
_chem_comp.id
_chem_comp.type
_chem_comp.name
_chem_comp.formula
DA DNA linking 2'-DEOXYADENOSINE-5'-MONOPHOSPHATE 'C10 H14 N5 O6 P'
DC DNA linking 2'-DEOXYCYTIDINE-5'-MONOPHOSPHATE 'C9 H14 N3 O7 P'
DG DNA linking 2'-DEOXYGUANOSINE-5'-MONOPHOSPHATE 'C10 H14 N5 O7 P'
DT DNA linking THYMIDINE-5'-MONOPHOSPHATE 'C10 H15 N2 O8 P'
ZN non-polymer 'ZINC ION' 'Zn 2'
#
# COMPACT_ATOMS: atom_id res chain seq x y z
N SER A 1 22.79 -8.29 1.20
CA SER A 1 21.36 -8.04 0.86
C SER A 1 20.73 -9.30 0.28
N PHE A 2 19.43 -9.36 0.24
CA PHE A 2 18.76 -10.57 -0.32
C PHE A 2 18.39 -10.31 -1.78
N ASP A 3 18.87 -11.12 -2.67
CA ASP A 3 18.55 -10.93 -4.10
C ASP A 3 17.57 -12.00 -4.57
N CYS A 4 16.58 -11.53 -5.25
CA CYS A 4 15.50 -12.40 -5.81
C CYS A 4 16.07 -13.33 -6.90
N LYS A 5 15.78 -14.60 -6.81
CA LYS A 5 16.32 -15.57 -7.81
C LYS A 5 15.30 -15.80 -8.92
N ILE A 6 14.51 -14.81 -9.26
CA ILE A 6 13.48 -15.01 -10.32
C ILE A 6 13.64 -13.93 -11.38
N CYS A 7 13.29 -12.73 -11.04
CA CYS A 7 13.41 -11.63 -12.03
C CYS A 7 14.85 -11.10 -11.99
N GLY A 8 15.34 -10.80 -10.81
CA GLY A 8 16.75 -10.33 -10.66
C GLY A 8 16.84 -8.95 -9.97
N LYS A 9 16.23 -8.77 -8.83
CA LYS A 9 16.32 -7.45 -8.10
C LYS A 9 16.76 -7.70 -6.65
N SER A 10 17.20 -6.66 -5.96
CA SER A 10 17.72 -6.88 -4.57
C SER A 10 16.83 -6.23 -3.49
N PHE A 11 16.98 -6.72 -2.28
CA PHE A 11 16.19 -6.19 -1.13
C PHE A 11 17.08 -6.09 0.10
N LYS A 12 17.13 -4.92 0.69
CA LYS A 12 17.97 -4.71 1.89
C LYS A 12 17.37 -5.49 3.06
N ARG A 13 16.09 -5.80 2.96
CA ARG A 13 15.39 -6.54 4.05
C ARG A 13 14.85 -7.85 3.50
N SER A 14 15.06 -8.93 4.19
CA SER A 14 14.53 -10.22 3.69
C SER A 14 13.02 -10.08 3.50
N SER A 15 12.39 -9.30 4.35
CA SER A 15 10.92 -9.14 4.24
C SER A 15 10.57 -8.42 2.94
N THR A 16 11.33 -7.44 2.54
CA THR A 16 11.00 -6.73 1.27
C THR A 16 11.17 -7.75 0.17
N LEU A 17 12.10 -8.65 0.32
CA LEU A 17 12.27 -9.73 -0.68
C LEU A 17 11.06 -10.65 -0.50
N SER A 18 10.69 -10.98 0.71
CA SER A 18 9.52 -11.86 0.92
C SER A 18 8.34 -11.34 0.11
N THR A 19 7.86 -10.16 0.40
CA THR A 19 6.71 -9.62 -0.36
C THR A 19 7.04 -9.67 -1.85
N HIS A 20 8.26 -9.41 -2.17
CA HIS A 20 8.66 -9.46 -3.59
C HIS A 20 8.53 -10.91 -4.12
N LEU A 21 9.01 -11.88 -3.38
CA LEU A 21 8.86 -13.27 -3.84
C LEU A 21 7.37 -13.55 -3.95
N LEU A 22 6.61 -12.85 -3.14
CA LEU A 22 5.14 -13.01 -3.17
C LEU A 22 4.64 -12.42 -4.49
N ILE A 23 5.34 -11.47 -5.04
CA ILE A 23 4.88 -10.93 -6.35
C ILE A 23 5.02 -12.03 -7.38
N HIS A 24 6.06 -12.81 -7.33
CA HIS A 24 6.16 -13.93 -8.31
C HIS A 24 5.16 -15.02 -7.93
N SER A 25 5.12 -15.42 -6.67
CA SER A 25 4.17 -16.48 -6.26
C SER A 25 2.75 -15.93 -6.22
N ASP A 26 2.60 -14.66 -6.48
CA ASP A 26 1.24 -14.03 -6.45
C ASP A 26 0.47 -14.51 -5.21
N THR A 27 0.95 -14.19 -4.03
CA THR A 27 0.24 -14.63 -2.80
C THR A 27 -0.54 -13.44 -2.23
N ARG A 28 -1.85 -13.52 -2.29
CA ARG A 28 -2.68 -12.37 -1.79
C ARG A 28 -3.70 -12.88 -0.76
N PRO A 29 -3.24 -13.23 0.42
CA PRO A 29 -4.14 -13.73 1.49
C PRO A 29 -5.02 -12.65 2.14
N TYR A 30 -5.08 -11.47 1.56
CA TYR A 30 -5.92 -10.37 2.16
C TYR A 30 -7.01 -10.03 1.15
N PRO A 31 -8.12 -10.72 1.18
CA PRO A 31 -9.24 -10.50 0.24
C PRO A 31 -10.18 -9.39 0.68
N CYS A 32 -10.49 -8.49 -0.22
CA CYS A 32 -11.44 -7.40 0.09
C CYS A 32 -12.71 -8.00 0.67
N GLN A 33 -13.26 -7.35 1.64
CA GLN A 33 -14.50 -7.86 2.26
C GLN A 33 -15.68 -7.47 1.38
N TYR A 34 -15.52 -6.51 0.48
CA TYR A 34 -16.69 -6.11 -0.37
C TYR A 34 -16.50 -6.52 -1.85
N CYS A 35 -15.69 -5.79 -2.57
CA CYS A 35 -15.50 -6.09 -4.04
C CYS A 35 -14.50 -7.25 -4.23
N GLY A 36 -14.33 -8.01 -3.19
CA GLY A 36 -13.43 -9.23 -3.21
C GLY A 36 -12.02 -9.01 -3.80
N LYS A 37 -11.56 -7.82 -4.09
CA LYS A 37 -10.19 -7.79 -4.68
C LYS A 37 -9.25 -8.53 -3.71
N ARG A 38 -8.02 -8.71 -4.07
CA ARG A 38 -7.06 -9.46 -3.19
C ARG A 38 -5.74 -8.70 -3.09
N PHE A 39 -5.25 -8.52 -1.89
CA PHE A 39 -3.97 -7.79 -1.68
C PHE A 39 -3.00 -8.71 -0.93
N HIS A 40 -1.74 -8.36 -0.91
CA HIS A 40 -0.73 -9.19 -0.21
C HIS A 40 -0.25 -8.45 1.06
N GLN A 41 -0.92 -7.40 1.47
CA GLN A 41 -0.47 -6.68 2.70
C GLN A 41 -1.69 -6.16 3.47
N LYS A 42 -1.94 -6.68 4.64
CA LYS A 42 -3.12 -6.25 5.44
C LYS A 42 -3.41 -4.74 5.34
N SER A 43 -2.58 -3.93 5.94
CA SER A 43 -2.81 -2.46 5.92
C SER A 43 -3.12 -1.98 4.49
N ASP A 44 -2.54 -2.55 3.48
CA ASP A 44 -2.90 -2.07 2.13
C ASP A 44 -4.35 -2.48 1.87
N MET A 45 -4.74 -3.66 2.27
CA MET A 45 -6.16 -4.04 2.10
C MET A 45 -7.01 -3.16 2.99
N LYS A 46 -6.60 -3.01 4.22
CA LYS A 46 -7.39 -2.17 5.15
C LYS A 46 -7.58 -0.80 4.53
N LYS A 47 -6.57 -0.31 3.85
CA LYS A 47 -6.70 1.00 3.17
C LYS A 47 -7.71 0.80 2.06
N HIS A 48 -7.78 -0.40 1.55
CA HIS A 48 -8.79 -0.72 0.54
C HIS A 48 -10.15 -0.68 1.24
N THR A 49 -10.39 -1.58 2.16
CA THR A 49 -11.68 -1.59 2.92
C THR A 49 -12.14 -0.16 3.27
N PHE A 50 -11.21 0.71 3.49
CA PHE A 50 -11.54 2.10 3.82
C PHE A 50 -11.99 2.83 2.54
N ILE A 51 -11.37 2.56 1.40
CA ILE A 51 -11.88 3.22 0.16
C ILE A 51 -13.33 2.79 0.05
N HIS A 52 -13.68 1.67 0.63
CA HIS A 52 -15.12 1.41 0.68
C HIS A 52 -15.56 2.26 1.87
N THR A 53 -15.79 1.63 3.01
CA THR A 53 -16.32 2.30 4.26
C THR A 53 -16.35 3.81 4.15
N GLY A 54 -15.35 4.38 3.48
CA GLY A 54 -15.25 5.86 3.28
C GLY A 54 -14.28 6.49 4.30
N GLU A 55 -13.41 5.69 4.87
CA GLU A 55 -12.46 6.20 5.90
C GLU A 55 -11.22 6.88 5.29
N LYS A 56 -10.99 8.09 5.70
CA LYS A 56 -9.81 8.88 5.24
C LYS A 56 -9.16 9.55 6.45
N PRO A 57 -8.48 8.78 7.25
CA PRO A 57 -7.76 9.26 8.48
C PRO A 57 -6.67 10.30 8.19
N HIS A 58 -6.30 10.50 6.96
CA HIS A 58 -5.22 11.50 6.67
C HIS A 58 -5.84 12.81 6.22
N LYS A 59 -6.08 13.71 7.13
CA LYS A 59 -6.72 15.00 6.75
C LYS A 59 -5.69 16.08 6.46
N CYS A 60 -5.74 16.63 5.30
CA CYS A 60 -4.82 17.75 4.96
C CYS A 60 -5.44 19.01 5.58
N GLN A 61 -4.74 19.67 6.46
CA GLN A 61 -5.29 20.88 7.10
C GLN A 61 -5.03 22.07 6.18
N VAL A 62 -4.67 21.80 4.97
CA VAL A 62 -4.37 22.89 4.01
C VAL A 62 -5.62 23.23 3.20
N CYS A 63 -6.18 22.27 2.52
CA CYS A 63 -7.39 22.54 1.69
C CYS A 63 -8.57 21.68 2.14
N GLY A 64 -8.59 21.26 3.37
CA GLY A 64 -9.74 20.48 3.88
C GLY A 64 -9.99 19.19 3.09
N LYS A 65 -8.97 18.58 2.55
CA LYS A 65 -9.18 17.29 1.82
C LYS A 65 -8.62 16.15 2.68
N ALA A 66 -9.16 14.96 2.53
CA ALA A 66 -8.71 13.80 3.37
C ALA A 66 -8.30 12.61 2.51
N PHE A 67 -7.38 11.81 3.00
CA PHE A 67 -6.90 10.66 2.19
C PHE A 67 -6.81 9.36 2.99
N SER A 68 -6.93 8.26 2.28
CA SER A 68 -6.82 6.93 2.94
C SER A 68 -5.35 6.61 3.18
N GLN A 69 -4.51 6.93 2.23
CA GLN A 69 -3.06 6.60 2.38
C GLN A 69 -2.27 7.85 2.73
N SER A 70 -1.25 7.71 3.53
CA SER A 70 -0.42 8.89 3.86
C SER A 70 0.36 9.24 2.62
N SER A 71 0.93 8.27 1.97
CA SER A 71 1.69 8.55 0.73
C SER A 71 0.86 9.46 -0.15
N ASN A 72 -0.40 9.17 -0.25
CA ASN A 72 -1.25 10.06 -1.08
C ASN A 72 -1.37 11.39 -0.34
N LEU A 73 -1.38 11.38 0.98
CA LEU A 73 -1.41 12.69 1.71
C LEU A 73 -0.06 13.36 1.45
N ILE A 74 1.02 12.71 1.81
CA ILE A 74 2.37 13.28 1.56
C ILE A 74 2.43 13.91 0.15
N THR A 75 2.16 13.15 -0.88
CA THR A 75 2.22 13.74 -2.25
C THR A 75 1.23 14.91 -2.32
N HIS A 76 0.07 14.74 -1.76
CA HIS A 76 -0.95 15.81 -1.78
C HIS A 76 -0.37 17.05 -1.06
N SER A 77 0.28 16.84 0.06
CA SER A 77 0.89 17.96 0.79
C SER A 77 2.05 18.49 -0.05
N ARG A 78 2.76 17.61 -0.72
CA ARG A 78 3.89 18.05 -1.55
C ARG A 78 3.36 19.09 -2.54
N LYS A 79 2.16 18.91 -3.05
CA LYS A 79 1.62 19.93 -3.98
C LYS A 79 1.42 21.22 -3.19
N HIS A 80 0.88 21.15 -2.00
CA HIS A 80 0.74 22.45 -1.25
C HIS A 80 2.14 23.01 -1.00
N THR A 81 3.07 22.18 -0.60
CA THR A 81 4.44 22.67 -0.32
C THR A 81 4.96 23.47 -1.50
N GLY A 82 4.98 22.87 -2.66
CA GLY A 82 5.47 23.59 -3.88
C GLY A 82 5.44 22.64 -5.07
ZN ZN D . 11.87 -11.08 -8.44
ZN ZN E . -13.18 -3.87 -2.29
ZN ZN F . -4.86 19.80 0.63
N SER A 1 21.11 -8.06 2.05
CA SER A 1 21.47 -8.23 0.63
C SER A 1 20.84 -9.52 0.08
N PHE A 2 19.55 -9.64 0.18
CA PHE A 2 18.88 -10.87 -0.33
C PHE A 2 18.60 -10.70 -1.80
N ASP A 3 19.00 -11.65 -2.61
CA ASP A 3 18.76 -11.51 -4.06
C ASP A 3 17.68 -12.47 -4.53
N CYS A 4 16.81 -11.97 -5.34
CA CYS A 4 15.71 -12.79 -5.90
C CYS A 4 16.29 -13.83 -6.87
N LYS A 5 15.97 -15.08 -6.65
CA LYS A 5 16.50 -16.15 -7.53
C LYS A 5 15.52 -16.42 -8.67
N ILE A 6 14.75 -15.43 -9.03
CA ILE A 6 13.74 -15.62 -10.12
C ILE A 6 13.92 -14.58 -11.23
N CYS A 7 13.57 -13.34 -10.99
CA CYS A 7 13.72 -12.31 -12.07
C CYS A 7 15.13 -11.72 -12.07
N GLY A 8 15.64 -11.36 -10.92
CA GLY A 8 17.03 -10.79 -10.86
C GLY A 8 17.07 -9.43 -10.15
N LYS A 9 16.41 -9.29 -9.03
CA LYS A 9 16.46 -7.99 -8.28
C LYS A 9 16.87 -8.27 -6.82
N SER A 10 17.43 -7.30 -6.13
CA SER A 10 17.91 -7.55 -4.73
C SER A 10 17.10 -6.77 -3.67
N PHE A 11 17.25 -7.17 -2.43
CA PHE A 11 16.51 -6.49 -1.31
C PHE A 11 17.39 -6.39 -0.07
N LYS A 12 17.55 -5.19 0.43
CA LYS A 12 18.38 -4.99 1.65
C LYS A 12 17.75 -5.74 2.81
N ARG A 13 16.45 -5.97 2.74
CA ARG A 13 15.74 -6.69 3.84
C ARG A 13 15.13 -7.97 3.29
N SER A 14 15.21 -9.04 4.01
CA SER A 14 14.63 -10.31 3.51
C SER A 14 13.12 -10.14 3.40
N SER A 15 12.51 -9.44 4.32
CA SER A 15 11.04 -9.23 4.23
C SER A 15 10.74 -8.59 2.88
N THR A 16 11.47 -7.56 2.54
CA THR A 16 11.25 -6.90 1.23
C THR A 16 11.43 -7.96 0.13
N LEU A 17 12.34 -8.86 0.32
CA LEU A 17 12.50 -9.94 -0.69
C LEU A 17 11.30 -10.85 -0.57
N SER A 18 10.79 -11.05 0.61
CA SER A 18 9.61 -11.93 0.78
C SER A 18 8.46 -11.39 -0.06
N THR A 19 8.02 -10.18 0.21
CA THR A 19 6.91 -9.60 -0.59
C THR A 19 7.28 -9.70 -2.06
N HIS A 20 8.53 -9.57 -2.35
CA HIS A 20 8.96 -9.67 -3.76
C HIS A 20 8.78 -11.13 -4.21
N LEU A 21 9.21 -12.05 -3.40
CA LEU A 21 9.05 -13.48 -3.74
C LEU A 21 7.56 -13.71 -3.95
N LEU A 22 6.77 -13.04 -3.15
CA LEU A 22 5.30 -13.13 -3.28
C LEU A 22 4.89 -12.61 -4.66
N ILE A 23 5.55 -11.59 -5.18
CA ILE A 23 5.19 -11.13 -6.54
C ILE A 23 5.32 -12.30 -7.51
N HIS A 24 6.28 -13.17 -7.30
CA HIS A 24 6.42 -14.32 -8.25
C HIS A 24 5.44 -15.45 -7.92
N SER A 25 5.16 -15.70 -6.67
CA SER A 25 4.20 -16.79 -6.34
C SER A 25 2.78 -16.25 -6.44
N ASP A 26 2.49 -15.26 -5.66
CA ASP A 26 1.15 -14.59 -5.67
C ASP A 26 0.27 -15.15 -4.54
N THR A 27 0.76 -15.10 -3.33
CA THR A 27 -0.02 -15.60 -2.19
C THR A 27 -1.28 -14.75 -2.02
N ARG A 28 -1.13 -13.45 -2.07
CA ARG A 28 -2.30 -12.53 -1.93
C ARG A 28 -3.32 -13.11 -0.93
N PRO A 29 -2.94 -13.19 0.32
CA PRO A 29 -3.83 -13.72 1.37
C PRO A 29 -4.72 -12.67 2.04
N TYR A 30 -4.81 -11.49 1.47
CA TYR A 30 -5.65 -10.42 2.09
C TYR A 30 -6.79 -10.04 1.13
N PRO A 31 -7.88 -10.76 1.17
CA PRO A 31 -9.05 -10.53 0.27
C PRO A 31 -10.02 -9.45 0.77
N CYS A 32 -10.37 -8.53 -0.10
CA CYS A 32 -11.33 -7.44 0.28
C CYS A 32 -12.60 -8.06 0.86
N GLN A 33 -13.10 -7.42 1.89
CA GLN A 33 -14.34 -7.90 2.54
C GLN A 33 -15.57 -7.41 1.77
N TYR A 34 -15.46 -6.37 0.96
CA TYR A 34 -16.67 -5.90 0.24
C TYR A 34 -16.65 -6.31 -1.24
N CYS A 35 -15.83 -5.69 -2.06
CA CYS A 35 -15.85 -6.04 -3.52
C CYS A 35 -15.07 -7.35 -3.81
N GLY A 36 -14.19 -7.80 -2.94
CA GLY A 36 -13.50 -9.12 -3.16
C GLY A 36 -12.07 -9.04 -3.72
N LYS A 37 -11.57 -7.90 -4.13
CA LYS A 37 -10.18 -7.90 -4.67
C LYS A 37 -9.24 -8.61 -3.68
N ARG A 38 -8.02 -8.92 -4.08
CA ARG A 38 -7.05 -9.62 -3.17
C ARG A 38 -5.77 -8.81 -3.09
N PHE A 39 -5.26 -8.60 -1.90
CA PHE A 39 -3.99 -7.82 -1.74
C PHE A 39 -2.92 -8.69 -1.08
N HIS A 40 -1.68 -8.24 -1.12
CA HIS A 40 -0.57 -9.03 -0.52
C HIS A 40 -0.15 -8.44 0.83
N GLN A 41 -0.81 -7.41 1.32
CA GLN A 41 -0.40 -6.86 2.66
C GLN A 41 -1.60 -6.33 3.42
N LYS A 42 -1.88 -6.89 4.56
CA LYS A 42 -3.04 -6.45 5.38
C LYS A 42 -3.25 -4.94 5.33
N SER A 43 -2.35 -4.18 5.91
CA SER A 43 -2.51 -2.69 5.92
C SER A 43 -2.84 -2.19 4.51
N ASP A 44 -2.41 -2.88 3.49
CA ASP A 44 -2.75 -2.43 2.12
C ASP A 44 -4.22 -2.75 1.85
N MET A 45 -4.69 -3.88 2.28
CA MET A 45 -6.13 -4.18 2.09
C MET A 45 -6.91 -3.23 2.99
N LYS A 46 -6.51 -3.13 4.23
CA LYS A 46 -7.23 -2.22 5.16
C LYS A 46 -7.32 -0.85 4.49
N LYS A 47 -6.28 -0.47 3.79
CA LYS A 47 -6.35 0.82 3.06
C LYS A 47 -7.45 0.65 2.04
N HIS A 48 -7.58 -0.55 1.56
CA HIS A 48 -8.66 -0.84 0.59
C HIS A 48 -10.00 -0.75 1.35
N THR A 49 -10.21 -1.63 2.30
CA THR A 49 -11.47 -1.60 3.09
C THR A 49 -11.88 -0.16 3.38
N PHE A 50 -10.92 0.69 3.67
CA PHE A 50 -11.26 2.10 3.96
C PHE A 50 -11.73 2.80 2.67
N ILE A 51 -11.17 2.44 1.53
CA ILE A 51 -11.68 3.07 0.27
C ILE A 51 -13.19 2.75 0.18
N HIS A 52 -13.66 1.72 0.87
CA HIS A 52 -15.16 1.41 0.83
C HIS A 52 -15.92 2.04 2.00
N THR A 53 -15.30 2.10 3.13
CA THR A 53 -15.99 2.62 4.34
C THR A 53 -16.09 4.13 4.24
N GLY A 54 -15.30 4.70 3.39
CA GLY A 54 -15.30 6.17 3.25
C GLY A 54 -14.27 6.74 4.23
N GLU A 55 -13.53 5.87 4.86
CA GLU A 55 -12.54 6.30 5.88
C GLU A 55 -11.31 6.96 5.25
N LYS A 56 -11.14 8.23 5.54
CA LYS A 56 -9.95 8.99 5.05
C LYS A 56 -9.23 9.62 6.25
N PRO A 57 -8.62 8.80 7.08
CA PRO A 57 -7.88 9.26 8.30
C PRO A 57 -6.77 10.29 8.03
N HIS A 58 -6.40 10.52 6.80
CA HIS A 58 -5.32 11.51 6.53
C HIS A 58 -5.94 12.85 6.11
N LYS A 59 -6.30 13.68 7.06
CA LYS A 59 -6.93 14.98 6.73
C LYS A 59 -5.85 16.02 6.42
N CYS A 60 -5.92 16.62 5.28
CA CYS A 60 -4.94 17.66 4.89
C CYS A 60 -4.88 18.76 5.97
N GLN A 61 -5.71 19.79 5.87
CA GLN A 61 -5.73 20.91 6.91
C GLN A 61 -5.40 22.25 6.25
N VAL A 62 -4.97 22.20 5.04
CA VAL A 62 -4.62 23.43 4.29
C VAL A 62 -5.82 23.85 3.48
N CYS A 63 -6.34 22.95 2.70
CA CYS A 63 -7.50 23.25 1.84
C CYS A 63 -8.76 22.53 2.38
N GLY A 64 -8.60 21.67 3.35
CA GLY A 64 -9.77 20.96 3.96
C GLY A 64 -10.19 19.69 3.19
N LYS A 65 -9.27 18.97 2.60
CA LYS A 65 -9.66 17.70 1.89
C LYS A 65 -9.15 16.51 2.71
N ALA A 66 -9.47 15.29 2.34
CA ALA A 66 -9.02 14.13 3.17
C ALA A 66 -8.52 12.98 2.29
N PHE A 67 -7.68 12.13 2.85
CA PHE A 67 -7.10 11.02 2.04
C PHE A 67 -7.06 9.67 2.77
N SER A 68 -7.22 8.62 2.00
CA SER A 68 -7.17 7.24 2.56
C SER A 68 -5.71 6.82 2.73
N GLN A 69 -4.82 7.36 1.93
CA GLN A 69 -3.40 6.92 2.05
C GLN A 69 -2.50 8.11 2.38
N SER A 70 -1.49 7.88 3.17
CA SER A 70 -0.57 8.98 3.51
C SER A 70 0.16 9.42 2.24
N SER A 71 0.58 8.49 1.43
CA SER A 71 1.31 8.88 0.19
C SER A 71 0.47 9.92 -0.55
N ASN A 72 -0.80 9.72 -0.66
CA ASN A 72 -1.62 10.73 -1.35
C ASN A 72 -1.66 12.01 -0.51
N LEU A 73 -1.66 11.89 0.80
CA LEU A 73 -1.64 13.14 1.62
C LEU A 73 -0.25 13.78 1.53
N ILE A 74 0.80 13.03 1.70
CA ILE A 74 2.17 13.60 1.57
C ILE A 74 2.29 14.29 0.22
N THR A 75 1.98 13.61 -0.85
CA THR A 75 2.06 14.27 -2.18
C THR A 75 1.13 15.47 -2.16
N HIS A 76 -0.07 15.28 -1.71
CA HIS A 76 -1.07 16.39 -1.66
C HIS A 76 -0.49 17.58 -0.87
N SER A 77 0.06 17.34 0.30
CA SER A 77 0.65 18.46 1.08
C SER A 77 1.88 18.99 0.35
N ARG A 78 2.59 18.12 -0.35
CA ARG A 78 3.79 18.58 -1.11
C ARG A 78 3.31 19.60 -2.12
N LYS A 79 2.11 19.45 -2.61
CA LYS A 79 1.58 20.44 -3.57
C LYS A 79 1.39 21.75 -2.79
N HIS A 80 0.80 21.71 -1.63
CA HIS A 80 0.65 22.99 -0.87
C HIS A 80 2.05 23.58 -0.61
N THR A 81 2.83 22.90 0.20
CA THR A 81 4.19 23.42 0.54
C THR A 81 4.99 23.71 -0.74
N GLY A 82 5.13 22.72 -1.58
CA GLY A 82 5.89 22.94 -2.85
C GLY A 82 6.78 21.72 -3.12
ZN ZN D . 12.13 -11.46 -8.62
ZN ZN E . -13.20 -3.95 -2.05
ZN ZN F . -4.92 20.29 0.98
N SER A 1 23.09 -9.34 1.01
CA SER A 1 21.68 -9.00 0.68
C SER A 1 20.97 -10.21 0.05
N PHE A 2 19.66 -10.19 0.05
CA PHE A 2 18.88 -11.32 -0.53
C PHE A 2 18.53 -10.97 -1.99
N ASP A 3 18.85 -11.85 -2.93
CA ASP A 3 18.60 -11.52 -4.38
C ASP A 3 17.57 -12.45 -5.06
N CYS A 4 16.44 -11.87 -5.38
CA CYS A 4 15.32 -12.60 -6.07
C CYS A 4 15.83 -13.43 -7.26
N LYS A 5 15.44 -14.68 -7.32
CA LYS A 5 15.90 -15.57 -8.43
C LYS A 5 14.94 -15.53 -9.64
N ILE A 6 13.69 -15.14 -9.46
CA ILE A 6 12.76 -15.15 -10.61
C ILE A 6 13.03 -13.98 -11.56
N CYS A 7 12.76 -12.76 -11.15
CA CYS A 7 13.00 -11.61 -12.08
C CYS A 7 14.41 -11.05 -11.88
N GLY A 8 15.02 -11.33 -10.76
CA GLY A 8 16.45 -10.88 -10.54
C GLY A 8 16.59 -9.50 -9.89
N LYS A 9 15.94 -9.22 -8.78
CA LYS A 9 16.13 -7.89 -8.09
C LYS A 9 16.63 -8.15 -6.67
N SER A 10 17.23 -7.15 -6.02
CA SER A 10 17.82 -7.41 -4.66
C SER A 10 17.09 -6.68 -3.52
N PHE A 11 17.12 -7.29 -2.35
CA PHE A 11 16.45 -6.71 -1.15
C PHE A 11 17.40 -6.69 0.04
N LYS A 12 17.61 -5.53 0.60
CA LYS A 12 18.51 -5.40 1.79
C LYS A 12 17.91 -6.18 2.96
N ARG A 13 16.63 -6.44 2.90
CA ARG A 13 15.94 -7.17 4.01
C ARG A 13 15.30 -8.45 3.47
N SER A 14 15.42 -9.53 4.18
CA SER A 14 14.81 -10.79 3.69
C SER A 14 13.29 -10.56 3.58
N SER A 15 12.74 -9.79 4.49
CA SER A 15 11.27 -9.52 4.47
C SER A 15 10.88 -8.79 3.18
N THR A 16 11.63 -7.79 2.78
CA THR A 16 11.29 -7.08 1.53
C THR A 16 11.39 -8.08 0.40
N LEU A 17 12.29 -9.00 0.54
CA LEU A 17 12.41 -10.08 -0.48
C LEU A 17 11.22 -11.00 -0.33
N SER A 18 10.77 -11.22 0.89
CA SER A 18 9.62 -12.13 1.10
C SER A 18 8.42 -11.58 0.35
N THR A 19 8.00 -10.38 0.65
CA THR A 19 6.86 -9.79 -0.08
C THR A 19 7.16 -9.86 -1.57
N HIS A 20 8.39 -9.68 -1.92
CA HIS A 20 8.77 -9.77 -3.35
C HIS A 20 8.56 -11.21 -3.83
N LEU A 21 9.04 -12.16 -3.08
CA LEU A 21 8.86 -13.58 -3.48
C LEU A 21 7.37 -13.84 -3.59
N LEU A 22 6.61 -13.12 -2.80
CA LEU A 22 5.13 -13.26 -2.83
C LEU A 22 4.63 -12.61 -4.11
N ILE A 23 5.33 -11.63 -4.64
CA ILE A 23 4.86 -11.04 -5.92
C ILE A 23 4.93 -12.13 -6.96
N HIS A 24 5.90 -13.02 -6.83
CA HIS A 24 6.05 -14.12 -7.83
C HIS A 24 5.05 -15.26 -7.54
N SER A 25 4.89 -15.67 -6.30
CA SER A 25 3.94 -16.78 -6.02
C SER A 25 2.53 -16.18 -5.86
N ASP A 26 2.42 -14.89 -6.04
CA ASP A 26 1.10 -14.18 -5.91
C ASP A 26 0.26 -14.79 -4.80
N THR A 27 0.78 -14.81 -3.61
CA THR A 27 0.02 -15.33 -2.45
C THR A 27 -1.13 -14.36 -2.14
N ARG A 28 -0.83 -13.10 -1.98
CA ARG A 28 -1.90 -12.09 -1.70
C ARG A 28 -2.88 -12.62 -0.66
N PRO A 29 -2.43 -12.92 0.53
CA PRO A 29 -3.31 -13.46 1.60
C PRO A 29 -4.25 -12.40 2.22
N TYR A 30 -4.50 -11.30 1.53
CA TYR A 30 -5.44 -10.27 2.10
C TYR A 30 -6.53 -9.96 1.07
N PRO A 31 -7.62 -10.69 1.11
CA PRO A 31 -8.76 -10.50 0.15
C PRO A 31 -9.72 -9.37 0.54
N CYS A 32 -10.13 -8.58 -0.43
CA CYS A 32 -11.07 -7.46 -0.14
C CYS A 32 -12.36 -8.04 0.41
N GLN A 33 -12.79 -7.52 1.50
CA GLN A 33 -14.04 -8.01 2.15
C GLN A 33 -15.28 -7.55 1.36
N TYR A 34 -15.15 -6.65 0.41
CA TYR A 34 -16.36 -6.18 -0.33
C TYR A 34 -16.33 -6.59 -1.82
N CYS A 35 -15.46 -5.98 -2.61
CA CYS A 35 -15.41 -6.32 -4.08
C CYS A 35 -14.43 -7.49 -4.35
N GLY A 36 -13.70 -7.91 -3.35
CA GLY A 36 -12.81 -9.10 -3.48
C GLY A 36 -11.39 -8.83 -4.01
N LYS A 37 -11.01 -7.62 -4.39
CA LYS A 37 -9.59 -7.44 -4.84
C LYS A 37 -8.70 -8.11 -3.80
N ARG A 38 -7.57 -8.66 -4.17
CA ARG A 38 -6.69 -9.31 -3.14
C ARG A 38 -5.34 -8.58 -3.08
N PHE A 39 -4.87 -8.30 -1.88
CA PHE A 39 -3.57 -7.59 -1.73
C PHE A 39 -2.59 -8.49 -0.96
N HIS A 40 -1.36 -8.06 -0.81
CA HIS A 40 -0.36 -8.88 -0.09
C HIS A 40 0.07 -8.22 1.22
N GLN A 41 -0.57 -7.15 1.65
CA GLN A 41 -0.14 -6.51 2.94
C GLN A 41 -1.37 -5.98 3.70
N LYS A 42 -1.69 -6.59 4.80
CA LYS A 42 -2.86 -6.15 5.62
C LYS A 42 -3.09 -4.64 5.48
N SER A 43 -2.35 -3.85 6.20
CA SER A 43 -2.50 -2.37 6.12
C SER A 43 -2.84 -1.91 4.70
N ASP A 44 -2.37 -2.60 3.69
CA ASP A 44 -2.70 -2.16 2.32
C ASP A 44 -4.14 -2.55 2.01
N MET A 45 -4.56 -3.71 2.43
CA MET A 45 -5.98 -4.06 2.18
C MET A 45 -6.80 -3.10 3.02
N LYS A 46 -6.43 -2.90 4.27
CA LYS A 46 -7.20 -1.96 5.11
C LYS A 46 -7.32 -0.65 4.34
N LYS A 47 -6.30 -0.28 3.59
CA LYS A 47 -6.43 0.96 2.79
C LYS A 47 -7.53 0.71 1.78
N HIS A 48 -7.66 -0.52 1.37
CA HIS A 48 -8.75 -0.86 0.43
C HIS A 48 -10.08 -0.81 1.22
N THR A 49 -10.27 -1.73 2.14
CA THR A 49 -11.49 -1.69 2.98
C THR A 49 -11.82 -0.26 3.36
N PHE A 50 -10.82 0.57 3.51
CA PHE A 50 -11.08 1.98 3.87
C PHE A 50 -11.70 2.70 2.65
N ILE A 51 -11.33 2.31 1.46
CA ILE A 51 -11.96 2.96 0.27
C ILE A 51 -13.42 2.49 0.16
N HIS A 52 -13.80 1.41 0.82
CA HIS A 52 -15.25 1.00 0.75
C HIS A 52 -16.02 1.68 1.91
N THR A 53 -15.33 1.90 3.01
CA THR A 53 -15.97 2.47 4.24
C THR A 53 -16.02 4.01 4.22
N GLY A 54 -15.33 4.64 3.31
CA GLY A 54 -15.33 6.13 3.29
C GLY A 54 -14.29 6.65 4.27
N GLU A 55 -13.42 5.79 4.71
CA GLU A 55 -12.42 6.20 5.73
C GLU A 55 -11.34 7.07 5.10
N LYS A 56 -11.07 8.17 5.73
CA LYS A 56 -10.03 9.12 5.23
C LYS A 56 -9.26 9.66 6.44
N PRO A 57 -8.49 8.82 7.10
CA PRO A 57 -7.69 9.22 8.30
C PRO A 57 -6.62 10.27 7.98
N HIS A 58 -6.41 10.60 6.73
CA HIS A 58 -5.38 11.63 6.42
C HIS A 58 -6.08 12.93 6.03
N LYS A 59 -6.31 13.81 6.97
CA LYS A 59 -7.02 15.08 6.65
C LYS A 59 -6.02 16.20 6.36
N CYS A 60 -6.11 16.80 5.20
CA CYS A 60 -5.19 17.93 4.89
C CYS A 60 -5.80 19.20 5.51
N GLN A 61 -5.08 19.81 6.41
CA GLN A 61 -5.57 21.07 7.08
C GLN A 61 -5.46 22.27 6.16
N VAL A 62 -4.73 22.21 5.11
CA VAL A 62 -4.61 23.41 4.26
C VAL A 62 -5.90 23.72 3.55
N CYS A 63 -6.41 22.78 2.81
CA CYS A 63 -7.65 23.05 2.04
C CYS A 63 -8.82 22.23 2.61
N GLY A 64 -8.59 21.44 3.62
CA GLY A 64 -9.72 20.66 4.23
C GLY A 64 -10.15 19.46 3.38
N LYS A 65 -9.25 18.85 2.67
CA LYS A 65 -9.62 17.63 1.88
C LYS A 65 -9.12 16.43 2.68
N ALA A 66 -9.50 15.22 2.34
CA ALA A 66 -9.05 14.05 3.16
C ALA A 66 -8.68 12.87 2.25
N PHE A 67 -7.74 12.07 2.69
CA PHE A 67 -7.26 10.92 1.87
C PHE A 67 -7.16 9.62 2.65
N SER A 68 -7.33 8.53 1.96
CA SER A 68 -7.21 7.20 2.61
C SER A 68 -5.74 6.83 2.78
N GLN A 69 -4.86 7.34 1.93
CA GLN A 69 -3.41 6.96 2.06
C GLN A 69 -2.56 8.18 2.40
N SER A 70 -1.59 8.01 3.27
CA SER A 70 -0.70 9.15 3.59
C SER A 70 0.07 9.53 2.34
N SER A 71 0.59 8.57 1.64
CA SER A 71 1.34 8.88 0.39
C SER A 71 0.51 9.81 -0.47
N ASN A 72 -0.78 9.64 -0.48
CA ASN A 72 -1.60 10.56 -1.30
C ASN A 72 -1.67 11.89 -0.57
N LEU A 73 -1.61 11.87 0.74
CA LEU A 73 -1.59 13.14 1.50
C LEU A 73 -0.20 13.76 1.32
N ILE A 74 0.85 13.05 1.61
CA ILE A 74 2.20 13.63 1.39
C ILE A 74 2.24 14.29 0.01
N THR A 75 1.82 13.60 -1.01
CA THR A 75 1.85 14.23 -2.37
C THR A 75 0.93 15.44 -2.38
N HIS A 76 -0.25 15.28 -1.85
CA HIS A 76 -1.24 16.39 -1.82
C HIS A 76 -0.65 17.58 -1.02
N SER A 77 -0.05 17.29 0.10
CA SER A 77 0.56 18.37 0.93
C SER A 77 1.78 18.91 0.17
N ARG A 78 2.45 18.07 -0.57
CA ARG A 78 3.61 18.56 -1.35
C ARG A 78 3.07 19.57 -2.34
N LYS A 79 1.87 19.39 -2.79
CA LYS A 79 1.32 20.39 -3.73
C LYS A 79 1.15 21.69 -2.96
N HIS A 80 0.65 21.65 -1.76
CA HIS A 80 0.52 22.94 -1.00
C HIS A 80 1.92 23.49 -0.69
N THR A 81 2.88 22.63 -0.48
CA THR A 81 4.25 23.10 -0.11
C THR A 81 5.20 23.01 -1.32
N GLY A 82 4.71 22.89 -2.51
CA GLY A 82 5.62 22.82 -3.67
C GLY A 82 4.81 22.62 -4.95
ZN ZN D . 11.63 -11.05 -8.57
ZN ZN E . -13.01 -4.06 -2.54
ZN ZN F . -5.10 20.28 0.76
N SER A 1 22.75 -8.90 1.45
CA SER A 1 21.32 -8.62 1.08
C SER A 1 20.67 -9.85 0.44
N PHE A 2 19.37 -9.81 0.31
CA PHE A 2 18.62 -10.95 -0.32
C PHE A 2 18.28 -10.58 -1.76
N ASP A 3 18.59 -11.44 -2.69
CA ASP A 3 18.31 -11.11 -4.12
C ASP A 3 17.25 -12.02 -4.73
N CYS A 4 16.20 -11.40 -5.19
CA CYS A 4 15.12 -12.18 -5.86
C CYS A 4 15.76 -13.02 -6.98
N LYS A 5 15.52 -14.29 -6.99
CA LYS A 5 16.15 -15.16 -8.02
C LYS A 5 15.33 -15.21 -9.30
N ILE A 6 14.09 -14.82 -9.26
CA ILE A 6 13.22 -14.90 -10.49
C ILE A 6 13.49 -13.78 -11.48
N CYS A 7 13.08 -12.59 -11.15
CA CYS A 7 13.33 -11.47 -12.09
C CYS A 7 14.71 -10.92 -11.72
N GLY A 8 15.09 -10.99 -10.47
CA GLY A 8 16.48 -10.56 -10.12
C GLY A 8 16.60 -9.11 -9.63
N LYS A 9 15.85 -8.72 -8.63
CA LYS A 9 15.99 -7.36 -8.05
C LYS A 9 16.46 -7.59 -6.62
N SER A 10 16.97 -6.62 -5.92
CA SER A 10 17.51 -6.95 -4.56
C SER A 10 16.74 -6.27 -3.41
N PHE A 11 16.71 -6.94 -2.26
CA PHE A 11 16.01 -6.40 -1.05
C PHE A 11 16.92 -6.44 0.17
N LYS A 12 17.02 -5.32 0.86
CA LYS A 12 17.88 -5.25 2.08
C LYS A 12 17.22 -6.01 3.22
N ARG A 13 15.92 -6.17 3.13
CA ARG A 13 15.14 -6.84 4.21
C ARG A 13 14.60 -8.16 3.66
N SER A 14 14.77 -9.24 4.37
CA SER A 14 14.24 -10.54 3.85
C SER A 14 12.73 -10.39 3.65
N SER A 15 12.11 -9.59 4.49
CA SER A 15 10.64 -9.38 4.37
C SER A 15 10.31 -8.68 3.04
N THR A 16 11.10 -7.71 2.64
CA THR A 16 10.82 -7.00 1.36
C THR A 16 11.01 -8.02 0.24
N LEU A 17 11.94 -8.91 0.44
CA LEU A 17 12.14 -9.97 -0.58
C LEU A 17 10.96 -10.93 -0.48
N SER A 18 10.49 -11.18 0.71
CA SER A 18 9.35 -12.11 0.87
C SER A 18 8.18 -11.61 0.03
N THR A 19 7.69 -10.43 0.32
CA THR A 19 6.55 -9.86 -0.46
C THR A 19 6.90 -9.91 -1.96
N HIS A 20 8.12 -9.60 -2.26
CA HIS A 20 8.54 -9.65 -3.67
C HIS A 20 8.42 -11.10 -4.16
N LEU A 21 8.89 -12.03 -3.39
CA LEU A 21 8.78 -13.45 -3.79
C LEU A 21 7.28 -13.72 -3.98
N LEU A 22 6.48 -13.03 -3.20
CA LEU A 22 5.01 -13.18 -3.30
C LEU A 22 4.54 -12.57 -4.62
N ILE A 23 5.27 -11.64 -5.18
CA ILE A 23 4.85 -11.07 -6.49
C ILE A 23 5.01 -12.17 -7.52
N HIS A 24 6.00 -13.01 -7.33
CA HIS A 24 6.17 -14.12 -8.31
C HIS A 24 5.20 -15.26 -7.97
N SER A 25 4.98 -15.53 -6.71
CA SER A 25 4.03 -16.63 -6.34
C SER A 25 2.61 -16.06 -6.34
N ASP A 26 2.48 -14.79 -6.56
CA ASP A 26 1.15 -14.12 -6.56
C ASP A 26 0.35 -14.53 -5.32
N THR A 27 0.94 -14.41 -4.17
CA THR A 27 0.22 -14.79 -2.91
C THR A 27 -0.50 -13.55 -2.35
N ARG A 28 -1.77 -13.68 -2.03
CA ARG A 28 -2.51 -12.51 -1.48
C ARG A 28 -3.52 -12.99 -0.45
N PRO A 29 -3.07 -13.33 0.73
CA PRO A 29 -3.96 -13.84 1.80
C PRO A 29 -4.86 -12.76 2.44
N TYR A 30 -4.90 -11.58 1.86
CA TYR A 30 -5.77 -10.49 2.44
C TYR A 30 -6.86 -10.15 1.42
N PRO A 31 -7.91 -10.94 1.39
CA PRO A 31 -9.03 -10.75 0.43
C PRO A 31 -9.99 -9.63 0.85
N CYS A 32 -10.20 -8.70 -0.03
CA CYS A 32 -11.14 -7.58 0.25
C CYS A 32 -12.47 -8.12 0.80
N GLN A 33 -13.03 -7.42 1.73
CA GLN A 33 -14.31 -7.85 2.35
C GLN A 33 -15.51 -7.45 1.50
N TYR A 34 -15.35 -6.61 0.50
CA TYR A 34 -16.54 -6.19 -0.29
C TYR A 34 -16.44 -6.62 -1.76
N CYS A 35 -15.61 -5.95 -2.53
CA CYS A 35 -15.51 -6.33 -3.98
C CYS A 35 -14.65 -7.57 -4.17
N GLY A 36 -13.73 -7.82 -3.29
CA GLY A 36 -12.94 -9.07 -3.38
C GLY A 36 -11.51 -8.88 -3.90
N LYS A 37 -11.05 -7.70 -4.20
CA LYS A 37 -9.66 -7.61 -4.69
C LYS A 37 -8.79 -8.29 -3.62
N ARG A 38 -7.66 -8.83 -3.95
CA ARG A 38 -6.81 -9.51 -2.93
C ARG A 38 -5.48 -8.79 -2.78
N PHE A 39 -5.00 -8.63 -1.56
CA PHE A 39 -3.71 -7.92 -1.34
C PHE A 39 -2.71 -8.85 -0.65
N HIS A 40 -1.45 -8.51 -0.75
CA HIS A 40 -0.39 -9.34 -0.11
C HIS A 40 0.05 -8.72 1.22
N GLN A 41 -0.40 -7.53 1.54
CA GLN A 41 0.02 -6.92 2.84
C GLN A 41 -1.22 -6.42 3.59
N LYS A 42 -1.57 -7.08 4.66
CA LYS A 42 -2.76 -6.68 5.47
C LYS A 42 -3.01 -5.17 5.38
N SER A 43 -2.32 -4.40 6.16
CA SER A 43 -2.49 -2.92 6.13
C SER A 43 -2.71 -2.40 4.70
N ASP A 44 -2.17 -3.03 3.69
CA ASP A 44 -2.46 -2.51 2.32
C ASP A 44 -3.92 -2.85 1.99
N MET A 45 -4.40 -3.99 2.42
CA MET A 45 -5.83 -4.32 2.18
C MET A 45 -6.66 -3.41 3.09
N LYS A 46 -6.27 -3.35 4.33
CA LYS A 46 -7.00 -2.50 5.29
C LYS A 46 -7.17 -1.13 4.67
N LYS A 47 -6.16 -0.66 3.99
CA LYS A 47 -6.30 0.65 3.30
C LYS A 47 -7.38 0.45 2.23
N HIS A 48 -7.43 -0.72 1.64
CA HIS A 48 -8.53 -1.00 0.65
C HIS A 48 -9.86 -1.00 1.42
N THR A 49 -10.05 -1.93 2.31
CA THR A 49 -11.29 -1.96 3.11
C THR A 49 -11.65 -0.55 3.57
N PHE A 50 -10.67 0.28 3.82
CA PHE A 50 -10.98 1.67 4.25
C PHE A 50 -11.54 2.47 3.06
N ILE A 51 -11.18 2.12 1.84
CA ILE A 51 -11.76 2.83 0.65
C ILE A 51 -13.21 2.35 0.44
N HIS A 52 -13.61 1.25 1.02
CA HIS A 52 -15.07 0.84 0.85
C HIS A 52 -15.85 1.47 2.01
N THR A 53 -15.19 1.64 3.12
CA THR A 53 -15.85 2.22 4.32
C THR A 53 -15.97 3.73 4.12
N GLY A 54 -15.13 4.29 3.31
CA GLY A 54 -15.13 5.76 3.10
C GLY A 54 -14.18 6.39 4.12
N GLU A 55 -13.26 5.60 4.60
CA GLU A 55 -12.31 6.08 5.64
C GLU A 55 -11.10 6.78 5.02
N LYS A 56 -10.86 7.96 5.49
CA LYS A 56 -9.70 8.77 5.01
C LYS A 56 -9.05 9.43 6.22
N PRO A 57 -8.28 8.67 6.96
CA PRO A 57 -7.61 9.17 8.19
C PRO A 57 -6.55 10.22 7.92
N HIS A 58 -6.15 10.39 6.68
CA HIS A 58 -5.12 11.44 6.42
C HIS A 58 -5.83 12.72 5.97
N LYS A 59 -6.16 13.59 6.90
CA LYS A 59 -6.87 14.84 6.53
C LYS A 59 -5.87 15.96 6.29
N CYS A 60 -5.89 16.53 5.13
CA CYS A 60 -4.95 17.65 4.84
C CYS A 60 -5.45 18.89 5.60
N GLN A 61 -4.62 19.42 6.46
CA GLN A 61 -5.02 20.61 7.27
C GLN A 61 -4.80 21.88 6.47
N VAL A 62 -4.47 21.76 5.22
CA VAL A 62 -4.24 22.96 4.39
C VAL A 62 -5.55 23.37 3.71
N CYS A 63 -6.10 22.50 2.91
CA CYS A 63 -7.38 22.84 2.18
C CYS A 63 -8.60 22.03 2.69
N GLY A 64 -8.44 21.01 3.47
CA GLY A 64 -9.65 20.27 4.00
C GLY A 64 -10.00 19.04 3.17
N LYS A 65 -9.15 18.59 2.29
CA LYS A 65 -9.47 17.35 1.53
C LYS A 65 -8.99 16.18 2.40
N ALA A 66 -9.36 14.96 2.11
CA ALA A 66 -8.92 13.83 2.98
C ALA A 66 -8.39 12.70 2.10
N PHE A 67 -7.39 12.01 2.57
CA PHE A 67 -6.79 10.91 1.74
C PHE A 67 -6.70 9.60 2.51
N SER A 68 -6.84 8.52 1.80
CA SER A 68 -6.74 7.18 2.42
C SER A 68 -5.29 6.88 2.72
N GLN A 69 -4.37 7.30 1.86
CA GLN A 69 -2.93 6.98 2.10
C GLN A 69 -2.11 8.25 2.32
N SER A 70 -1.19 8.18 3.22
CA SER A 70 -0.31 9.34 3.48
C SER A 70 0.41 9.67 2.18
N SER A 71 0.85 8.67 1.47
CA SER A 71 1.57 8.92 0.18
C SER A 71 0.80 9.91 -0.66
N ASN A 72 -0.48 9.79 -0.72
CA ASN A 72 -1.25 10.78 -1.54
C ASN A 72 -1.32 12.09 -0.75
N LEU A 73 -1.32 12.01 0.56
CA LEU A 73 -1.31 13.28 1.36
C LEU A 73 0.06 13.92 1.19
N ILE A 74 1.11 13.22 1.48
CA ILE A 74 2.47 13.81 1.28
C ILE A 74 2.53 14.49 -0.09
N THR A 75 2.16 13.79 -1.13
CA THR A 75 2.21 14.41 -2.49
C THR A 75 1.26 15.62 -2.54
N HIS A 76 0.08 15.44 -2.04
CA HIS A 76 -0.93 16.54 -2.05
C HIS A 76 -0.42 17.71 -1.18
N SER A 77 0.21 17.38 -0.09
CA SER A 77 0.77 18.40 0.81
C SER A 77 1.95 19.05 0.09
N ARG A 78 2.63 18.30 -0.73
CA ARG A 78 3.76 18.87 -1.50
C ARG A 78 3.19 19.93 -2.43
N LYS A 79 2.05 19.69 -3.01
CA LYS A 79 1.47 20.74 -3.89
C LYS A 79 1.26 21.98 -3.05
N HIS A 80 0.73 21.85 -1.85
CA HIS A 80 0.59 23.09 -1.03
C HIS A 80 1.99 23.66 -0.80
N THR A 81 2.98 22.81 -0.64
CA THR A 81 4.37 23.31 -0.42
C THR A 81 5.11 23.27 -1.75
N GLY A 82 4.38 23.32 -2.83
CA GLY A 82 5.01 23.28 -4.18
C GLY A 82 6.10 22.21 -4.21
ZN ZN D . 11.65 -10.88 -8.69
ZN ZN E . -12.91 -4.23 -2.36
ZN ZN F . -4.87 20.17 0.79
N SER A 1 22.58 -9.06 1.98
CA SER A 1 21.35 -8.65 1.25
C SER A 1 20.70 -9.88 0.64
N PHE A 2 19.40 -9.84 0.43
CA PHE A 2 18.69 -11.01 -0.17
C PHE A 2 18.41 -10.72 -1.65
N ASP A 3 18.85 -11.61 -2.50
CA ASP A 3 18.66 -11.39 -3.96
C ASP A 3 17.58 -12.33 -4.51
N CYS A 4 16.77 -11.81 -5.38
CA CYS A 4 15.66 -12.61 -5.98
C CYS A 4 16.20 -13.64 -6.97
N LYS A 5 15.79 -14.85 -6.84
CA LYS A 5 16.29 -15.94 -7.71
C LYS A 5 15.34 -16.10 -8.91
N ILE A 6 14.57 -15.07 -9.25
CA ILE A 6 13.59 -15.21 -10.39
C ILE A 6 13.79 -14.15 -11.49
N CYS A 7 13.72 -12.88 -11.18
CA CYS A 7 13.83 -11.84 -12.26
C CYS A 7 15.22 -11.18 -12.23
N GLY A 8 15.76 -10.93 -11.06
CA GLY A 8 17.13 -10.34 -10.99
C GLY A 8 17.26 -9.15 -10.00
N LYS A 9 16.32 -8.90 -9.11
CA LYS A 9 16.48 -7.72 -8.18
C LYS A 9 16.88 -8.10 -6.74
N SER A 10 17.35 -7.12 -5.98
CA SER A 10 17.85 -7.39 -4.58
C SER A 10 17.04 -6.65 -3.49
N PHE A 11 17.15 -7.15 -2.27
CA PHE A 11 16.42 -6.55 -1.10
C PHE A 11 17.33 -6.53 0.15
N LYS A 12 17.46 -5.39 0.78
CA LYS A 12 18.31 -5.33 2.01
C LYS A 12 17.59 -6.01 3.17
N ARG A 13 16.27 -6.08 3.04
CA ARG A 13 15.40 -6.66 4.10
C ARG A 13 14.62 -7.87 3.54
N SER A 14 14.86 -9.03 4.03
CA SER A 14 14.11 -10.19 3.48
C SER A 14 12.61 -9.88 3.48
N SER A 15 12.11 -9.12 4.42
CA SER A 15 10.65 -8.83 4.43
C SER A 15 10.25 -8.19 3.09
N THR A 16 11.07 -7.33 2.58
CA THR A 16 10.78 -6.70 1.27
C THR A 16 10.99 -7.74 0.18
N LEU A 17 11.91 -8.66 0.36
CA LEU A 17 12.09 -9.71 -0.68
C LEU A 17 10.90 -10.66 -0.55
N SER A 18 10.56 -11.01 0.65
CA SER A 18 9.38 -11.90 0.88
C SER A 18 8.24 -11.40 0.01
N THR A 19 7.92 -10.14 0.14
CA THR A 19 6.84 -9.55 -0.71
C THR A 19 7.22 -9.70 -2.18
N HIS A 20 8.45 -9.47 -2.48
CA HIS A 20 8.90 -9.62 -3.88
C HIS A 20 8.73 -11.09 -4.31
N LEU A 21 8.95 -11.98 -3.40
CA LEU A 21 8.77 -13.42 -3.72
C LEU A 21 7.27 -13.63 -3.87
N LEU A 22 6.52 -12.90 -3.07
CA LEU A 22 5.04 -13.00 -3.16
C LEU A 22 4.64 -12.44 -4.53
N ILE A 23 5.48 -11.62 -5.17
CA ILE A 23 5.12 -11.10 -6.52
C ILE A 23 5.29 -12.21 -7.55
N HIS A 24 6.33 -13.00 -7.46
CA HIS A 24 6.47 -14.10 -8.47
C HIS A 24 5.50 -15.22 -8.12
N SER A 25 5.15 -15.36 -6.86
CA SER A 25 4.20 -16.44 -6.45
C SER A 25 2.78 -15.90 -6.58
N ASP A 26 2.62 -14.63 -6.50
CA ASP A 26 1.28 -14.00 -6.61
C ASP A 26 0.41 -14.45 -5.42
N THR A 27 0.91 -14.32 -4.22
CA THR A 27 0.12 -14.76 -3.02
C THR A 27 -0.55 -13.52 -2.40
N ARG A 28 -1.84 -13.57 -2.18
CA ARG A 28 -2.54 -12.40 -1.57
C ARG A 28 -3.53 -12.87 -0.50
N PRO A 29 -3.03 -13.17 0.68
CA PRO A 29 -3.88 -13.66 1.80
C PRO A 29 -4.72 -12.55 2.47
N TYR A 30 -4.90 -11.43 1.82
CA TYR A 30 -5.72 -10.33 2.43
C TYR A 30 -6.83 -9.98 1.44
N PRO A 31 -7.90 -10.73 1.46
CA PRO A 31 -9.03 -10.54 0.52
C PRO A 31 -9.97 -9.39 0.89
N CYS A 32 -10.52 -8.76 -0.11
CA CYS A 32 -11.44 -7.62 0.12
C CYS A 32 -12.76 -8.12 0.68
N GLN A 33 -13.27 -7.43 1.66
CA GLN A 33 -14.54 -7.84 2.28
C GLN A 33 -15.74 -7.36 1.43
N TYR A 34 -15.54 -6.44 0.51
CA TYR A 34 -16.74 -5.92 -0.24
C TYR A 34 -16.71 -6.14 -1.76
N CYS A 35 -15.66 -5.77 -2.45
CA CYS A 35 -15.70 -5.92 -3.96
C CYS A 35 -14.96 -7.16 -4.49
N GLY A 36 -14.07 -7.78 -3.75
CA GLY A 36 -13.42 -9.03 -4.29
C GLY A 36 -11.89 -8.99 -4.34
N LYS A 37 -11.31 -7.86 -4.56
CA LYS A 37 -9.83 -7.78 -4.67
C LYS A 37 -9.11 -8.45 -3.50
N ARG A 38 -7.87 -8.76 -3.71
CA ARG A 38 -7.03 -9.41 -2.66
C ARG A 38 -5.71 -8.66 -2.60
N PHE A 39 -5.06 -8.67 -1.46
CA PHE A 39 -3.78 -7.94 -1.33
C PHE A 39 -2.74 -8.81 -0.61
N HIS A 40 -1.50 -8.42 -0.76
CA HIS A 40 -0.39 -9.19 -0.14
C HIS A 40 -0.01 -8.60 1.22
N GLN A 41 -0.51 -7.43 1.56
CA GLN A 41 -0.14 -6.84 2.88
C GLN A 41 -1.40 -6.35 3.60
N LYS A 42 -1.71 -6.93 4.73
CA LYS A 42 -2.91 -6.52 5.51
C LYS A 42 -3.17 -5.03 5.38
N SER A 43 -2.39 -4.24 6.05
CA SER A 43 -2.55 -2.77 6.02
C SER A 43 -2.83 -2.26 4.60
N ASP A 44 -2.25 -2.88 3.61
CA ASP A 44 -2.54 -2.42 2.24
C ASP A 44 -4.02 -2.79 1.96
N MET A 45 -4.48 -3.95 2.38
CA MET A 45 -5.93 -4.27 2.17
C MET A 45 -6.75 -3.36 3.10
N LYS A 46 -6.36 -3.28 4.35
CA LYS A 46 -7.10 -2.40 5.30
C LYS A 46 -7.24 -1.03 4.67
N LYS A 47 -6.24 -0.62 3.95
CA LYS A 47 -6.34 0.69 3.26
C LYS A 47 -7.40 0.50 2.18
N HIS A 48 -7.47 -0.68 1.66
CA HIS A 48 -8.54 -0.99 0.68
C HIS A 48 -9.87 -0.88 1.46
N THR A 49 -10.07 -1.76 2.43
CA THR A 49 -11.29 -1.75 3.26
C THR A 49 -11.67 -0.31 3.61
N PHE A 50 -10.71 0.55 3.86
CA PHE A 50 -11.05 1.96 4.19
C PHE A 50 -11.70 2.61 2.98
N ILE A 51 -11.23 2.28 1.81
CA ILE A 51 -11.86 2.87 0.59
C ILE A 51 -13.33 2.45 0.61
N HIS A 52 -13.65 1.25 1.05
CA HIS A 52 -15.09 0.85 1.12
C HIS A 52 -15.79 1.55 2.31
N THR A 53 -15.08 1.80 3.37
CA THR A 53 -15.75 2.41 4.58
C THR A 53 -15.80 3.94 4.48
N GLY A 54 -15.14 4.50 3.52
CA GLY A 54 -15.10 5.98 3.37
C GLY A 54 -14.18 6.59 4.44
N GLU A 55 -13.41 5.78 5.09
CA GLU A 55 -12.52 6.30 6.16
C GLU A 55 -11.33 7.03 5.57
N LYS A 56 -11.33 8.33 5.68
CA LYS A 56 -10.20 9.14 5.15
C LYS A 56 -9.51 9.83 6.33
N PRO A 57 -8.67 9.10 7.04
CA PRO A 57 -7.95 9.64 8.23
C PRO A 57 -6.80 10.59 7.90
N HIS A 58 -6.37 10.66 6.66
CA HIS A 58 -5.25 11.58 6.36
C HIS A 58 -5.81 12.94 5.96
N LYS A 59 -6.14 13.75 6.93
CA LYS A 59 -6.72 15.07 6.65
C LYS A 59 -5.65 16.07 6.23
N CYS A 60 -5.99 16.89 5.28
CA CYS A 60 -5.06 17.94 4.80
C CYS A 60 -5.56 19.25 5.42
N GLN A 61 -4.82 19.87 6.28
CA GLN A 61 -5.33 21.14 6.90
C GLN A 61 -5.01 22.33 6.00
N VAL A 62 -4.65 22.06 4.78
CA VAL A 62 -4.31 23.16 3.83
C VAL A 62 -5.52 23.53 2.98
N CYS A 63 -6.27 22.55 2.57
CA CYS A 63 -7.48 22.82 1.74
C CYS A 63 -8.67 22.05 2.34
N GLY A 64 -8.42 21.21 3.29
CA GLY A 64 -9.53 20.49 3.96
C GLY A 64 -9.97 19.28 3.14
N LYS A 65 -9.05 18.70 2.46
CA LYS A 65 -9.34 17.45 1.75
C LYS A 65 -8.85 16.38 2.72
N ALA A 66 -8.84 15.17 2.33
CA ALA A 66 -8.44 14.14 3.27
C ALA A 66 -8.19 12.91 2.43
N PHE A 67 -7.28 12.09 2.84
CA PHE A 67 -6.95 10.95 1.96
C PHE A 67 -6.97 9.60 2.68
N SER A 68 -7.36 8.59 1.95
CA SER A 68 -7.41 7.22 2.52
C SER A 68 -5.96 6.72 2.72
N GLN A 69 -4.98 7.45 2.24
CA GLN A 69 -3.57 7.00 2.40
C GLN A 69 -2.62 8.19 2.61
N SER A 70 -1.78 8.11 3.60
CA SER A 70 -0.79 9.19 3.83
C SER A 70 -0.04 9.48 2.53
N SER A 71 0.45 8.45 1.88
CA SER A 71 1.20 8.66 0.61
C SER A 71 0.44 9.67 -0.25
N ASN A 72 -0.83 9.52 -0.35
CA ASN A 72 -1.59 10.50 -1.16
C ASN A 72 -1.60 11.83 -0.38
N LEU A 73 -1.53 11.78 0.93
CA LEU A 73 -1.43 13.05 1.71
C LEU A 73 -0.05 13.64 1.44
N ILE A 74 1.00 12.94 1.74
CA ILE A 74 2.36 13.48 1.45
C ILE A 74 2.41 14.05 0.02
N THR A 75 2.05 13.30 -0.99
CA THR A 75 2.12 13.90 -2.37
C THR A 75 1.17 15.07 -2.45
N HIS A 76 0.00 14.93 -1.91
CA HIS A 76 -1.00 16.01 -1.96
C HIS A 76 -0.42 17.28 -1.27
N SER A 77 0.18 17.12 -0.12
CA SER A 77 0.78 18.31 0.55
C SER A 77 1.97 18.76 -0.28
N ARG A 78 2.67 17.81 -0.89
CA ARG A 78 3.85 18.21 -1.74
C ARG A 78 3.34 19.28 -2.70
N LYS A 79 2.16 19.11 -3.22
CA LYS A 79 1.63 20.14 -4.13
C LYS A 79 1.43 21.43 -3.34
N HIS A 80 0.87 21.38 -2.15
CA HIS A 80 0.73 22.67 -1.42
C HIS A 80 2.14 23.22 -1.14
N THR A 81 3.10 22.35 -0.88
CA THR A 81 4.48 22.83 -0.58
C THR A 81 5.32 22.79 -1.86
N GLY A 82 4.71 22.74 -3.01
CA GLY A 82 5.49 22.72 -4.27
C GLY A 82 5.17 23.97 -5.08
ZN ZN D . 12.15 -11.15 -8.78
ZN ZN E . -13.01 -4.06 -2.31
ZN ZN F . -4.87 20.00 0.50
N SER A 1 20.87 -8.27 2.40
CA SER A 1 21.24 -8.30 0.95
C SER A 1 20.58 -9.51 0.28
N PHE A 2 19.29 -9.43 0.05
CA PHE A 2 18.57 -10.56 -0.61
C PHE A 2 18.30 -10.19 -2.07
N ASP A 3 18.80 -11.02 -2.98
CA ASP A 3 18.63 -10.74 -4.44
C ASP A 3 17.64 -11.74 -5.06
N CYS A 4 16.47 -11.26 -5.29
CA CYS A 4 15.36 -12.10 -5.87
C CYS A 4 15.94 -13.40 -6.46
N LYS A 5 15.17 -14.45 -6.61
CA LYS A 5 15.72 -15.68 -7.28
C LYS A 5 14.85 -15.92 -8.50
N ILE A 6 14.18 -14.89 -8.92
CA ILE A 6 13.27 -15.01 -10.07
C ILE A 6 13.61 -13.95 -11.13
N CYS A 7 13.17 -12.72 -10.96
CA CYS A 7 13.51 -11.70 -11.99
C CYS A 7 14.92 -11.17 -11.75
N GLY A 8 15.32 -11.03 -10.50
CA GLY A 8 16.73 -10.57 -10.22
C GLY A 8 16.81 -9.14 -9.64
N LYS A 9 15.96 -8.79 -8.70
CA LYS A 9 16.03 -7.41 -8.08
C LYS A 9 16.47 -7.57 -6.63
N SER A 10 16.98 -6.53 -6.00
CA SER A 10 17.52 -6.73 -4.62
C SER A 10 16.73 -6.04 -3.51
N PHE A 11 16.73 -6.70 -2.37
CA PHE A 11 16.03 -6.20 -1.15
C PHE A 11 16.98 -6.25 0.05
N LYS A 12 17.12 -5.13 0.69
CA LYS A 12 18.00 -5.06 1.89
C LYS A 12 17.33 -5.82 3.03
N ARG A 13 16.03 -5.98 2.90
CA ARG A 13 15.20 -6.64 3.94
C ARG A 13 14.62 -7.94 3.40
N SER A 14 14.65 -8.99 4.18
CA SER A 14 14.09 -10.28 3.71
C SER A 14 12.58 -10.12 3.52
N SER A 15 11.93 -9.35 4.37
CA SER A 15 10.45 -9.16 4.25
C SER A 15 10.11 -8.41 2.97
N THR A 16 10.90 -7.43 2.60
CA THR A 16 10.61 -6.71 1.35
C THR A 16 10.82 -7.72 0.23
N LEU A 17 11.73 -8.64 0.45
CA LEU A 17 11.95 -9.71 -0.56
C LEU A 17 10.75 -10.66 -0.45
N SER A 18 10.22 -10.86 0.73
CA SER A 18 9.06 -11.78 0.86
C SER A 18 7.93 -11.26 -0.04
N THR A 19 7.52 -10.03 0.17
CA THR A 19 6.45 -9.43 -0.68
C THR A 19 6.86 -9.56 -2.14
N HIS A 20 8.10 -9.33 -2.40
CA HIS A 20 8.60 -9.46 -3.78
C HIS A 20 8.42 -10.93 -4.22
N LEU A 21 8.83 -11.84 -3.38
CA LEU A 21 8.69 -13.26 -3.73
C LEU A 21 7.21 -13.53 -3.96
N LEU A 22 6.39 -12.78 -3.28
CA LEU A 22 4.93 -12.92 -3.45
C LEU A 22 4.55 -12.33 -4.79
N ILE A 23 5.30 -11.38 -5.31
CA ILE A 23 4.94 -10.86 -6.66
C ILE A 23 5.09 -12.01 -7.64
N HIS A 24 6.05 -12.87 -7.40
CA HIS A 24 6.23 -14.02 -8.33
C HIS A 24 5.23 -15.13 -8.02
N SER A 25 4.94 -15.38 -6.77
CA SER A 25 3.98 -16.48 -6.45
C SER A 25 2.56 -15.89 -6.33
N ASP A 26 2.45 -14.61 -6.55
CA ASP A 26 1.12 -13.93 -6.43
C ASP A 26 0.27 -14.61 -5.35
N THR A 27 0.76 -14.61 -4.14
CA THR A 27 -0.01 -15.24 -3.03
C THR A 27 -1.21 -14.32 -2.73
N ARG A 28 -0.96 -13.07 -2.47
CA ARG A 28 -2.05 -12.10 -2.18
C ARG A 28 -3.12 -12.74 -1.31
N PRO A 29 -2.79 -13.03 -0.07
CA PRO A 29 -3.74 -13.65 0.88
C PRO A 29 -4.58 -12.63 1.68
N TYR A 30 -4.80 -11.45 1.17
CA TYR A 30 -5.62 -10.46 1.91
C TYR A 30 -6.80 -10.07 1.02
N PRO A 31 -7.78 -10.93 0.92
CA PRO A 31 -8.96 -10.72 0.03
C PRO A 31 -9.92 -9.62 0.49
N CYS A 32 -10.20 -8.67 -0.36
CA CYS A 32 -11.15 -7.58 -0.01
C CYS A 32 -12.45 -8.22 0.49
N GLN A 33 -12.98 -7.72 1.57
CA GLN A 33 -14.25 -8.30 2.09
C GLN A 33 -15.44 -7.70 1.34
N TYR A 34 -15.23 -6.66 0.56
CA TYR A 34 -16.38 -6.05 -0.17
C TYR A 34 -16.36 -6.40 -1.66
N CYS A 35 -15.47 -5.82 -2.43
CA CYS A 35 -15.48 -6.15 -3.91
C CYS A 35 -14.65 -7.42 -4.20
N GLY A 36 -13.77 -7.81 -3.32
CA GLY A 36 -13.03 -9.10 -3.56
C GLY A 36 -11.61 -8.94 -4.12
N LYS A 37 -11.10 -7.77 -4.36
CA LYS A 37 -9.70 -7.75 -4.91
C LYS A 37 -8.82 -8.54 -3.93
N ARG A 38 -7.63 -8.93 -4.31
CA ARG A 38 -6.76 -9.70 -3.37
C ARG A 38 -5.43 -8.98 -3.20
N PHE A 39 -5.22 -8.38 -2.05
CA PHE A 39 -3.97 -7.61 -1.79
C PHE A 39 -2.89 -8.51 -1.21
N HIS A 40 -1.69 -7.99 -1.12
CA HIS A 40 -0.54 -8.75 -0.56
C HIS A 40 -0.01 -8.08 0.71
N GLN A 41 -0.87 -7.59 1.56
CA GLN A 41 -0.39 -6.96 2.84
C GLN A 41 -1.62 -6.46 3.62
N LYS A 42 -1.97 -7.16 4.66
CA LYS A 42 -3.18 -6.80 5.48
C LYS A 42 -3.42 -5.30 5.54
N SER A 43 -2.52 -4.57 6.13
CA SER A 43 -2.69 -3.10 6.24
C SER A 43 -2.95 -2.46 4.88
N ASP A 44 -2.30 -2.92 3.86
CA ASP A 44 -2.59 -2.35 2.52
C ASP A 44 -4.03 -2.69 2.18
N MET A 45 -4.48 -3.89 2.45
CA MET A 45 -5.90 -4.18 2.17
C MET A 45 -6.73 -3.27 3.06
N LYS A 46 -6.37 -3.18 4.32
CA LYS A 46 -7.15 -2.32 5.23
C LYS A 46 -7.30 -0.96 4.57
N LYS A 47 -6.24 -0.47 3.99
CA LYS A 47 -6.34 0.83 3.29
C LYS A 47 -7.40 0.65 2.19
N HIS A 48 -7.50 -0.55 1.67
CA HIS A 48 -8.57 -0.83 0.66
C HIS A 48 -9.92 -0.82 1.40
N THR A 49 -10.12 -1.76 2.30
CA THR A 49 -11.38 -1.80 3.09
C THR A 49 -11.75 -0.40 3.57
N PHE A 50 -10.77 0.41 3.81
CA PHE A 50 -11.04 1.79 4.29
C PHE A 50 -11.62 2.62 3.13
N ILE A 51 -11.21 2.36 1.91
CA ILE A 51 -11.84 3.11 0.78
C ILE A 51 -13.33 2.69 0.69
N HIS A 52 -13.67 1.44 0.93
CA HIS A 52 -15.15 1.08 0.87
C HIS A 52 -15.90 1.71 2.04
N THR A 53 -15.24 1.86 3.16
CA THR A 53 -15.91 2.44 4.36
C THR A 53 -15.92 3.95 4.26
N GLY A 54 -15.08 4.49 3.42
CA GLY A 54 -14.98 5.96 3.30
C GLY A 54 -14.03 6.45 4.39
N GLU A 55 -13.26 5.55 4.94
CA GLU A 55 -12.35 5.93 6.04
C GLU A 55 -11.14 6.67 5.48
N LYS A 56 -10.99 7.91 5.88
CA LYS A 56 -9.85 8.74 5.40
C LYS A 56 -9.11 9.30 6.62
N PRO A 57 -8.30 8.49 7.24
CA PRO A 57 -7.53 8.90 8.45
C PRO A 57 -6.50 9.99 8.15
N HIS A 58 -6.24 10.30 6.91
CA HIS A 58 -5.23 11.38 6.67
C HIS A 58 -5.94 12.60 6.06
N LYS A 59 -6.30 13.55 6.87
CA LYS A 59 -7.01 14.75 6.35
C LYS A 59 -6.03 15.90 6.14
N CYS A 60 -6.04 16.49 4.97
CA CYS A 60 -5.13 17.64 4.72
C CYS A 60 -5.66 18.82 5.52
N GLN A 61 -4.86 19.34 6.41
CA GLN A 61 -5.29 20.47 7.27
C GLN A 61 -4.97 21.76 6.54
N VAL A 62 -4.60 21.66 5.31
CA VAL A 62 -4.24 22.88 4.54
C VAL A 62 -5.44 23.39 3.74
N CYS A 63 -5.97 22.59 2.86
CA CYS A 63 -7.09 23.05 2.01
C CYS A 63 -8.42 22.31 2.27
N GLY A 64 -8.48 21.15 2.89
CA GLY A 64 -9.83 20.55 3.17
C GLY A 64 -10.03 19.13 2.65
N LYS A 65 -9.17 18.60 1.84
CA LYS A 65 -9.40 17.24 1.29
C LYS A 65 -8.86 16.13 2.23
N ALA A 66 -9.26 14.88 1.99
CA ALA A 66 -8.79 13.74 2.87
C ALA A 66 -8.21 12.58 2.04
N PHE A 67 -7.30 11.85 2.64
CA PHE A 67 -6.62 10.73 1.92
C PHE A 67 -6.58 9.43 2.73
N SER A 68 -6.71 8.33 2.04
CA SER A 68 -6.65 6.99 2.69
C SER A 68 -5.19 6.64 2.96
N GLN A 69 -4.33 6.96 2.02
CA GLN A 69 -2.89 6.64 2.21
C GLN A 69 -2.08 7.90 2.52
N SER A 70 -1.14 7.77 3.41
CA SER A 70 -0.29 8.93 3.75
C SER A 70 0.46 9.35 2.49
N SER A 71 0.92 8.39 1.74
CA SER A 71 1.68 8.68 0.50
C SER A 71 0.89 9.65 -0.37
N ASN A 72 -0.40 9.55 -0.39
CA ASN A 72 -1.20 10.48 -1.24
C ASN A 72 -1.33 11.81 -0.50
N LEU A 73 -1.41 11.78 0.81
CA LEU A 73 -1.47 13.05 1.55
C LEU A 73 -0.07 13.67 1.50
N ILE A 74 0.94 12.87 1.53
CA ILE A 74 2.32 13.40 1.44
C ILE A 74 2.45 14.15 0.10
N THR A 75 2.13 13.51 -0.99
CA THR A 75 2.21 14.24 -2.30
C THR A 75 1.30 15.46 -2.21
N HIS A 76 0.04 15.20 -2.02
CA HIS A 76 -0.95 16.31 -1.90
C HIS A 76 -0.38 17.38 -0.97
N SER A 77 0.26 16.97 0.09
CA SER A 77 0.89 17.94 1.00
C SER A 77 2.09 18.55 0.24
N ARG A 78 2.73 17.77 -0.61
CA ARG A 78 3.88 18.31 -1.39
C ARG A 78 3.39 19.46 -2.27
N LYS A 79 2.22 19.35 -2.84
CA LYS A 79 1.71 20.48 -3.66
C LYS A 79 1.64 21.66 -2.72
N HIS A 80 1.11 21.47 -1.55
CA HIS A 80 1.13 22.63 -0.61
C HIS A 80 2.59 23.04 -0.36
N THR A 81 3.50 22.11 -0.15
CA THR A 81 4.91 22.54 0.11
C THR A 81 5.67 22.60 -1.21
N GLY A 82 4.95 22.73 -2.29
CA GLY A 82 5.60 22.81 -3.63
C GLY A 82 6.44 21.56 -3.88
ZN ZN D . 11.84 -10.97 -8.68
ZN ZN E . -12.95 -4.00 -2.32
ZN ZN F . -4.69 20.26 0.74
N SER A 1 23.02 -8.60 0.89
CA SER A 1 21.58 -8.31 0.61
C SER A 1 20.92 -9.57 0.04
N PHE A 2 19.61 -9.59 -0.01
CA PHE A 2 18.91 -10.79 -0.56
C PHE A 2 18.56 -10.51 -2.02
N ASP A 3 19.06 -11.34 -2.90
CA ASP A 3 18.77 -11.12 -4.35
C ASP A 3 17.72 -12.11 -4.83
N CYS A 4 16.72 -11.58 -5.46
CA CYS A 4 15.63 -12.43 -6.02
C CYS A 4 16.24 -13.35 -7.07
N LYS A 5 16.06 -14.63 -6.92
CA LYS A 5 16.64 -15.58 -7.92
C LYS A 5 15.70 -15.71 -9.12
N ILE A 6 14.52 -15.16 -9.04
CA ILE A 6 13.57 -15.29 -10.18
C ILE A 6 13.88 -14.23 -11.25
N CYS A 7 13.60 -12.97 -10.98
CA CYS A 7 13.85 -11.93 -12.02
C CYS A 7 15.24 -11.29 -11.85
N GLY A 8 15.81 -11.31 -10.68
CA GLY A 8 17.19 -10.75 -10.52
C GLY A 8 17.24 -9.34 -9.89
N LYS A 9 16.39 -9.05 -8.94
CA LYS A 9 16.45 -7.70 -8.27
C LYS A 9 16.87 -7.92 -6.81
N SER A 10 17.33 -6.92 -6.12
CA SER A 10 17.79 -7.18 -4.72
C SER A 10 16.92 -6.46 -3.68
N PHE A 11 17.10 -6.87 -2.45
CA PHE A 11 16.34 -6.28 -1.31
C PHE A 11 17.23 -6.19 -0.09
N LYS A 12 17.30 -5.02 0.47
CA LYS A 12 18.13 -4.80 1.68
C LYS A 12 17.50 -5.52 2.87
N ARG A 13 16.21 -5.75 2.81
CA ARG A 13 15.52 -6.41 3.95
C ARG A 13 14.91 -7.74 3.46
N SER A 14 15.02 -8.78 4.24
CA SER A 14 14.45 -10.06 3.80
C SER A 14 12.95 -9.90 3.57
N SER A 15 12.31 -9.07 4.35
CA SER A 15 10.85 -8.87 4.17
C SER A 15 10.60 -8.29 2.79
N THR A 16 11.37 -7.31 2.37
CA THR A 16 11.15 -6.73 1.04
C THR A 16 11.37 -7.84 0.03
N LEU A 17 12.26 -8.76 0.31
CA LEU A 17 12.45 -9.90 -0.61
C LEU A 17 11.24 -10.82 -0.45
N SER A 18 10.75 -10.99 0.75
CA SER A 18 9.57 -11.88 0.94
C SER A 18 8.41 -11.39 0.08
N THR A 19 7.99 -10.17 0.27
CA THR A 19 6.87 -9.64 -0.56
C THR A 19 7.25 -9.74 -2.04
N HIS A 20 8.49 -9.56 -2.33
CA HIS A 20 8.93 -9.67 -3.74
C HIS A 20 8.75 -11.14 -4.19
N LEU A 21 9.25 -12.06 -3.41
CA LEU A 21 9.09 -13.48 -3.77
C LEU A 21 7.60 -13.71 -3.96
N LEU A 22 6.81 -12.97 -3.23
CA LEU A 22 5.34 -13.09 -3.34
C LEU A 22 4.91 -12.51 -4.69
N ILE A 23 5.63 -11.55 -5.23
CA ILE A 23 5.22 -11.04 -6.56
C ILE A 23 5.32 -12.19 -7.56
N HIS A 24 6.31 -13.04 -7.40
CA HIS A 24 6.42 -14.20 -8.36
C HIS A 24 5.47 -15.33 -7.99
N SER A 25 5.16 -15.53 -6.73
CA SER A 25 4.24 -16.65 -6.36
C SER A 25 2.82 -16.10 -6.30
N ASP A 26 2.69 -14.82 -6.45
CA ASP A 26 1.36 -14.16 -6.38
C ASP A 26 0.61 -14.69 -5.16
N THR A 27 1.00 -14.27 -4.00
CA THR A 27 0.33 -14.72 -2.75
C THR A 27 -0.49 -13.56 -2.19
N ARG A 28 -1.76 -13.73 -2.01
CA ARG A 28 -2.59 -12.61 -1.49
C ARG A 28 -3.61 -13.14 -0.48
N PRO A 29 -3.21 -13.27 0.77
CA PRO A 29 -4.09 -13.79 1.85
C PRO A 29 -5.02 -12.71 2.44
N TYR A 30 -5.05 -11.53 1.87
CA TYR A 30 -5.93 -10.45 2.44
C TYR A 30 -7.06 -10.15 1.44
N PRO A 31 -8.20 -10.80 1.61
CA PRO A 31 -9.36 -10.62 0.68
C PRO A 31 -10.28 -9.45 1.00
N CYS A 32 -10.56 -8.63 0.02
CA CYS A 32 -11.49 -7.49 0.21
C CYS A 32 -12.81 -8.05 0.75
N GLN A 33 -13.34 -7.40 1.73
CA GLN A 33 -14.60 -7.88 2.35
C GLN A 33 -15.81 -7.43 1.52
N TYR A 34 -15.66 -6.48 0.62
CA TYR A 34 -16.85 -6.04 -0.16
C TYR A 34 -16.79 -6.48 -1.64
N CYS A 35 -15.86 -5.95 -2.42
CA CYS A 35 -15.80 -6.33 -3.88
C CYS A 35 -14.87 -7.55 -4.12
N GLY A 36 -14.47 -8.23 -3.07
CA GLY A 36 -13.66 -9.49 -3.21
C GLY A 36 -12.20 -9.30 -3.69
N LYS A 37 -11.82 -8.14 -4.17
CA LYS A 37 -10.39 -7.99 -4.63
C LYS A 37 -9.45 -8.59 -3.56
N ARG A 38 -8.27 -9.04 -3.91
CA ARG A 38 -7.34 -9.62 -2.86
C ARG A 38 -6.05 -8.83 -2.81
N PHE A 39 -5.45 -8.73 -1.64
CA PHE A 39 -4.18 -7.97 -1.48
C PHE A 39 -3.14 -8.85 -0.78
N HIS A 40 -1.91 -8.39 -0.71
CA HIS A 40 -0.84 -9.18 -0.05
C HIS A 40 -0.42 -8.53 1.28
N GLN A 41 -0.88 -7.34 1.57
CA GLN A 41 -0.47 -6.70 2.86
C GLN A 41 -1.73 -6.23 3.62
N LYS A 42 -1.90 -6.69 4.83
CA LYS A 42 -3.11 -6.29 5.61
C LYS A 42 -3.39 -4.79 5.47
N SER A 43 -2.51 -3.97 5.98
CA SER A 43 -2.72 -2.49 5.90
C SER A 43 -3.12 -2.07 4.49
N ASP A 44 -2.63 -2.73 3.49
CA ASP A 44 -3.03 -2.35 2.09
C ASP A 44 -4.49 -2.71 1.91
N MET A 45 -4.91 -3.88 2.31
CA MET A 45 -6.35 -4.21 2.17
C MET A 45 -7.13 -3.22 3.04
N LYS A 46 -6.68 -2.99 4.25
CA LYS A 46 -7.42 -2.05 5.14
C LYS A 46 -7.61 -0.74 4.39
N LYS A 47 -6.60 -0.32 3.68
CA LYS A 47 -6.73 0.94 2.89
C LYS A 47 -7.82 0.71 1.85
N HIS A 48 -7.91 -0.51 1.39
CA HIS A 48 -8.97 -0.85 0.42
C HIS A 48 -10.31 -0.80 1.18
N THR A 49 -10.49 -1.68 2.13
CA THR A 49 -11.72 -1.67 2.95
C THR A 49 -12.09 -0.24 3.34
N PHE A 50 -11.11 0.61 3.47
CA PHE A 50 -11.38 2.02 3.85
C PHE A 50 -11.98 2.78 2.67
N ILE A 51 -11.57 2.48 1.46
CA ILE A 51 -12.22 3.19 0.31
C ILE A 51 -13.66 2.69 0.21
N HIS A 52 -13.95 1.52 0.75
CA HIS A 52 -15.39 1.05 0.75
C HIS A 52 -16.14 1.74 1.89
N THR A 53 -15.46 2.02 2.96
CA THR A 53 -16.12 2.66 4.16
C THR A 53 -16.13 4.19 4.08
N GLY A 54 -15.41 4.75 3.17
CA GLY A 54 -15.32 6.24 3.07
C GLY A 54 -14.30 6.72 4.10
N GLU A 55 -13.45 5.84 4.56
CA GLU A 55 -12.46 6.21 5.60
C GLU A 55 -11.28 6.96 4.99
N LYS A 56 -10.96 8.08 5.58
CA LYS A 56 -9.82 8.91 5.10
C LYS A 56 -9.14 9.58 6.29
N PRO A 57 -8.59 8.79 7.18
CA PRO A 57 -7.89 9.29 8.41
C PRO A 57 -6.80 10.33 8.11
N HIS A 58 -6.38 10.44 6.89
CA HIS A 58 -5.34 11.47 6.59
C HIS A 58 -6.02 12.75 6.10
N LYS A 59 -6.24 13.69 6.98
CA LYS A 59 -6.92 14.96 6.59
C LYS A 59 -5.90 16.03 6.21
N CYS A 60 -5.98 16.50 5.01
CA CYS A 60 -5.04 17.56 4.54
C CYS A 60 -4.78 18.56 5.67
N GLN A 61 -5.62 19.57 5.80
CA GLN A 61 -5.49 20.61 6.89
C GLN A 61 -5.26 21.96 6.24
N VAL A 62 -4.89 21.93 5.00
CA VAL A 62 -4.59 23.17 4.24
C VAL A 62 -5.82 23.60 3.44
N CYS A 63 -6.23 22.77 2.52
CA CYS A 63 -7.40 23.10 1.66
C CYS A 63 -8.67 22.36 2.13
N GLY A 64 -8.56 21.38 2.97
CA GLY A 64 -9.78 20.67 3.48
C GLY A 64 -10.05 19.38 2.70
N LYS A 65 -9.05 18.76 2.15
CA LYS A 65 -9.28 17.47 1.43
C LYS A 65 -8.78 16.33 2.32
N ALA A 66 -9.16 15.11 2.04
CA ALA A 66 -8.72 13.99 2.95
C ALA A 66 -8.22 12.79 2.13
N PHE A 67 -7.50 11.89 2.78
CA PHE A 67 -6.93 10.73 2.03
C PHE A 67 -6.88 9.44 2.86
N SER A 68 -7.04 8.34 2.17
CA SER A 68 -7.01 7.01 2.84
C SER A 68 -5.56 6.58 3.02
N GLN A 69 -4.63 7.29 2.42
CA GLN A 69 -3.20 6.88 2.55
C GLN A 69 -2.32 8.09 2.87
N SER A 70 -1.30 7.91 3.65
CA SER A 70 -0.40 9.04 3.97
C SER A 70 0.42 9.39 2.75
N SER A 71 1.00 8.43 2.10
CA SER A 71 1.79 8.74 0.89
C SER A 71 0.96 9.62 -0.04
N ASN A 72 -0.34 9.43 -0.06
CA ASN A 72 -1.18 10.28 -0.94
C ASN A 72 -1.35 11.64 -0.25
N LEU A 73 -1.41 11.67 1.05
CA LEU A 73 -1.51 12.98 1.76
C LEU A 73 -0.14 13.68 1.68
N ILE A 74 0.93 12.95 1.81
CA ILE A 74 2.29 13.55 1.70
C ILE A 74 2.42 14.21 0.34
N THR A 75 2.16 13.49 -0.73
CA THR A 75 2.27 14.12 -2.07
C THR A 75 1.30 15.31 -2.12
N HIS A 76 0.12 15.10 -1.63
CA HIS A 76 -0.89 16.20 -1.61
C HIS A 76 -0.30 17.39 -0.83
N SER A 77 0.31 17.10 0.28
CA SER A 77 0.94 18.16 1.09
C SER A 77 2.14 18.74 0.34
N ARG A 78 2.85 17.92 -0.41
CA ARG A 78 3.99 18.44 -1.19
C ARG A 78 3.46 19.47 -2.18
N LYS A 79 2.27 19.27 -2.68
CA LYS A 79 1.71 20.28 -3.62
C LYS A 79 1.54 21.57 -2.83
N HIS A 80 0.96 21.53 -1.66
CA HIS A 80 0.82 22.80 -0.89
C HIS A 80 2.21 23.36 -0.60
N THR A 81 3.12 22.51 -0.19
CA THR A 81 4.48 22.99 0.17
C THR A 81 5.05 23.84 -0.97
N GLY A 82 5.09 23.32 -2.17
CA GLY A 82 5.63 24.11 -3.31
C GLY A 82 5.99 23.17 -4.46
ZN ZN D . 12.04 -11.15 -8.76
ZN ZN E . -13.27 -4.16 -2.39
ZN ZN F . -4.85 20.20 0.75
N SER A 1 22.24 -8.45 2.08
CA SER A 1 21.18 -8.14 1.09
C SER A 1 20.56 -9.46 0.59
N PHE A 2 19.35 -9.40 0.07
CA PHE A 2 18.70 -10.65 -0.44
C PHE A 2 18.42 -10.49 -1.93
N ASP A 3 18.88 -11.43 -2.73
CA ASP A 3 18.68 -11.32 -4.21
C ASP A 3 17.58 -12.28 -4.70
N CYS A 4 16.76 -11.78 -5.59
CA CYS A 4 15.65 -12.59 -6.18
C CYS A 4 16.19 -13.57 -7.22
N LYS A 5 15.80 -14.81 -7.09
CA LYS A 5 16.29 -15.86 -8.02
C LYS A 5 15.24 -16.11 -9.11
N ILE A 6 14.51 -15.10 -9.48
CA ILE A 6 13.46 -15.27 -10.53
C ILE A 6 13.67 -14.25 -11.61
N CYS A 7 13.27 -13.03 -11.38
CA CYS A 7 13.49 -11.99 -12.41
C CYS A 7 14.92 -11.49 -12.21
N GLY A 8 15.25 -11.11 -11.01
CA GLY A 8 16.66 -10.69 -10.72
C GLY A 8 16.76 -9.24 -10.19
N LYS A 9 16.19 -9.01 -9.04
CA LYS A 9 16.29 -7.67 -8.37
C LYS A 9 16.69 -7.95 -6.91
N SER A 10 17.19 -6.99 -6.18
CA SER A 10 17.64 -7.30 -4.79
C SER A 10 16.82 -6.57 -3.72
N PHE A 11 17.00 -6.99 -2.50
CA PHE A 11 16.25 -6.40 -1.35
C PHE A 11 17.12 -6.35 -0.10
N LYS A 12 17.14 -5.22 0.54
CA LYS A 12 17.96 -5.06 1.78
C LYS A 12 17.34 -5.86 2.93
N ARG A 13 16.07 -6.21 2.82
CA ARG A 13 15.41 -6.97 3.93
C ARG A 13 14.81 -8.26 3.40
N SER A 14 14.97 -9.35 4.11
CA SER A 14 14.40 -10.62 3.61
C SER A 14 12.91 -10.41 3.40
N SER A 15 12.29 -9.59 4.20
CA SER A 15 10.83 -9.35 4.05
C SER A 15 10.58 -8.66 2.72
N THR A 16 11.39 -7.71 2.34
CA THR A 16 11.18 -7.03 1.05
C THR A 16 11.34 -8.08 -0.05
N LEU A 17 12.23 -9.03 0.17
CA LEU A 17 12.41 -10.11 -0.82
C LEU A 17 11.18 -10.99 -0.72
N SER A 18 10.79 -11.33 0.48
CA SER A 18 9.58 -12.17 0.65
C SER A 18 8.44 -11.56 -0.18
N THR A 19 8.09 -10.33 0.07
CA THR A 19 7.01 -9.68 -0.72
C THR A 19 7.34 -9.77 -2.21
N HIS A 20 8.58 -9.66 -2.52
CA HIS A 20 8.97 -9.74 -3.93
C HIS A 20 8.74 -11.18 -4.41
N LEU A 21 9.18 -12.14 -3.65
CA LEU A 21 8.96 -13.54 -4.05
C LEU A 21 7.47 -13.73 -4.15
N LEU A 22 6.75 -13.05 -3.28
CA LEU A 22 5.28 -13.12 -3.30
C LEU A 22 4.82 -12.56 -4.65
N ILE A 23 5.54 -11.63 -5.22
CA ILE A 23 5.12 -11.11 -6.55
C ILE A 23 5.19 -12.25 -7.55
N HIS A 24 6.14 -13.14 -7.39
CA HIS A 24 6.25 -14.31 -8.33
C HIS A 24 5.33 -15.44 -7.84
N SER A 25 4.87 -15.38 -6.62
CA SER A 25 3.97 -16.45 -6.08
C SER A 25 2.54 -15.91 -5.96
N ASP A 26 2.35 -14.67 -6.31
CA ASP A 26 1.01 -14.02 -6.18
C ASP A 26 0.23 -14.69 -5.03
N THR A 27 0.82 -14.78 -3.88
CA THR A 27 0.13 -15.40 -2.71
C THR A 27 -1.05 -14.50 -2.30
N ARG A 28 -0.80 -13.23 -2.19
CA ARG A 28 -1.89 -12.26 -1.83
C ARG A 28 -2.85 -12.86 -0.79
N PRO A 29 -2.37 -13.12 0.40
CA PRO A 29 -3.20 -13.69 1.50
C PRO A 29 -4.01 -12.63 2.27
N TYR A 30 -4.42 -11.57 1.61
CA TYR A 30 -5.21 -10.50 2.32
C TYR A 30 -6.39 -10.10 1.42
N PRO A 31 -7.41 -10.91 1.37
CA PRO A 31 -8.61 -10.67 0.51
C PRO A 31 -9.46 -9.44 0.92
N CYS A 32 -10.27 -8.96 -0.01
CA CYS A 32 -11.18 -7.80 0.28
C CYS A 32 -12.44 -8.31 0.93
N GLN A 33 -12.87 -7.63 1.96
CA GLN A 33 -14.10 -8.03 2.68
C GLN A 33 -15.34 -7.59 1.90
N TYR A 34 -15.22 -6.68 0.96
CA TYR A 34 -16.44 -6.24 0.21
C TYR A 34 -16.42 -6.68 -1.27
N CYS A 35 -15.59 -6.10 -2.09
CA CYS A 35 -15.63 -6.49 -3.56
C CYS A 35 -14.84 -7.78 -3.89
N GLY A 36 -13.93 -8.20 -3.05
CA GLY A 36 -13.20 -9.50 -3.33
C GLY A 36 -11.68 -9.31 -3.62
N LYS A 37 -11.29 -8.22 -4.26
CA LYS A 37 -9.82 -7.97 -4.56
C LYS A 37 -8.93 -8.67 -3.53
N ARG A 38 -7.76 -9.07 -3.93
CA ARG A 38 -6.83 -9.77 -3.01
C ARG A 38 -5.58 -8.89 -2.88
N PHE A 39 -5.09 -8.73 -1.68
CA PHE A 39 -3.87 -7.90 -1.46
C PHE A 39 -2.84 -8.76 -0.73
N HIS A 40 -1.67 -8.23 -0.49
CA HIS A 40 -0.62 -9.03 0.20
C HIS A 40 -0.31 -8.45 1.58
N GLN A 41 -0.63 -7.21 1.83
CA GLN A 41 -0.29 -6.62 3.17
C GLN A 41 -1.53 -6.12 3.91
N LYS A 42 -1.71 -6.53 5.14
CA LYS A 42 -2.89 -6.08 5.92
C LYS A 42 -3.15 -4.59 5.69
N SER A 43 -2.30 -3.74 6.21
CA SER A 43 -2.50 -2.28 6.02
C SER A 43 -2.89 -1.96 4.57
N ASP A 44 -2.46 -2.75 3.63
CA ASP A 44 -2.88 -2.47 2.22
C ASP A 44 -4.35 -2.80 2.10
N MET A 45 -4.78 -3.93 2.57
CA MET A 45 -6.23 -4.23 2.49
C MET A 45 -6.97 -3.20 3.34
N LYS A 46 -6.52 -2.97 4.56
CA LYS A 46 -7.23 -1.98 5.42
C LYS A 46 -7.38 -0.70 4.63
N LYS A 47 -6.40 -0.38 3.83
CA LYS A 47 -6.49 0.84 3.01
C LYS A 47 -7.59 0.60 1.98
N HIS A 48 -7.69 -0.62 1.52
CA HIS A 48 -8.76 -0.94 0.55
C HIS A 48 -10.10 -0.90 1.31
N THR A 49 -10.28 -1.78 2.27
CA THR A 49 -11.51 -1.75 3.09
C THR A 49 -11.84 -0.31 3.45
N PHE A 50 -10.84 0.51 3.63
CA PHE A 50 -11.11 1.93 3.95
C PHE A 50 -11.70 2.60 2.71
N ILE A 51 -11.37 2.13 1.53
CA ILE A 51 -11.98 2.73 0.29
C ILE A 51 -13.45 2.28 0.19
N HIS A 52 -13.85 1.22 0.86
CA HIS A 52 -15.31 0.82 0.80
C HIS A 52 -16.07 1.53 1.92
N THR A 53 -15.37 1.75 3.00
CA THR A 53 -15.98 2.40 4.18
C THR A 53 -15.92 3.90 4.01
N GLY A 54 -15.04 4.36 3.17
CA GLY A 54 -14.86 5.82 2.97
C GLY A 54 -14.17 6.41 4.20
N GLU A 55 -13.11 5.79 4.64
CA GLU A 55 -12.40 6.29 5.85
C GLU A 55 -11.16 7.07 5.42
N LYS A 56 -11.19 8.37 5.61
CA LYS A 56 -10.02 9.19 5.19
C LYS A 56 -9.38 9.90 6.40
N PRO A 57 -8.73 9.12 7.24
CA PRO A 57 -8.03 9.63 8.47
C PRO A 57 -6.92 10.65 8.20
N HIS A 58 -6.56 10.87 6.96
CA HIS A 58 -5.48 11.88 6.70
C HIS A 58 -6.15 13.16 6.22
N LYS A 59 -6.44 14.07 7.12
CA LYS A 59 -7.11 15.32 6.70
C LYS A 59 -6.08 16.42 6.47
N CYS A 60 -6.14 17.04 5.32
CA CYS A 60 -5.18 18.13 4.99
C CYS A 60 -5.61 19.43 5.68
N GLN A 61 -4.74 20.02 6.46
CA GLN A 61 -5.07 21.30 7.18
C GLN A 61 -4.81 22.50 6.27
N VAL A 62 -4.59 22.28 5.01
CA VAL A 62 -4.30 23.42 4.09
C VAL A 62 -5.55 23.83 3.33
N CYS A 63 -6.13 22.93 2.59
CA CYS A 63 -7.35 23.27 1.82
C CYS A 63 -8.58 22.64 2.46
N GLY A 64 -8.41 21.55 3.19
CA GLY A 64 -9.58 20.93 3.89
C GLY A 64 -9.98 19.59 3.26
N LYS A 65 -9.18 19.05 2.37
CA LYS A 65 -9.55 17.75 1.75
C LYS A 65 -9.00 16.61 2.61
N ALA A 66 -9.32 15.36 2.30
CA ALA A 66 -8.85 14.21 3.16
C ALA A 66 -8.36 13.04 2.29
N PHE A 67 -7.42 12.28 2.81
CA PHE A 67 -6.85 11.13 2.05
C PHE A 67 -6.79 9.85 2.89
N SER A 68 -6.96 8.75 2.25
CA SER A 68 -6.91 7.44 2.94
C SER A 68 -5.45 7.01 3.08
N GLN A 69 -4.57 7.56 2.28
CA GLN A 69 -3.14 7.12 2.35
C GLN A 69 -2.21 8.29 2.66
N SER A 70 -1.15 8.04 3.38
CA SER A 70 -0.20 9.13 3.65
C SER A 70 0.43 9.52 2.32
N SER A 71 0.72 8.55 1.50
CA SER A 71 1.34 8.83 0.17
C SER A 71 0.52 9.90 -0.54
N ASN A 72 -0.77 9.77 -0.54
CA ASN A 72 -1.59 10.78 -1.25
C ASN A 72 -1.61 12.09 -0.43
N LEU A 73 -1.52 12.01 0.89
CA LEU A 73 -1.47 13.26 1.70
C LEU A 73 -0.08 13.90 1.57
N ILE A 74 0.98 13.13 1.54
CA ILE A 74 2.33 13.71 1.35
C ILE A 74 2.37 14.36 -0.02
N THR A 75 1.98 13.64 -1.04
CA THR A 75 1.95 14.23 -2.41
C THR A 75 1.06 15.48 -2.40
N HIS A 76 -0.12 15.31 -1.86
CA HIS A 76 -1.10 16.43 -1.81
C HIS A 76 -0.52 17.65 -1.05
N SER A 77 0.04 17.41 0.12
CA SER A 77 0.62 18.56 0.87
C SER A 77 1.87 19.04 0.13
N ARG A 78 2.60 18.12 -0.46
CA ARG A 78 3.80 18.51 -1.22
C ARG A 78 3.37 19.54 -2.26
N LYS A 79 2.17 19.43 -2.75
CA LYS A 79 1.68 20.44 -3.71
C LYS A 79 1.48 21.75 -2.97
N HIS A 80 0.82 21.73 -1.83
CA HIS A 80 0.67 23.03 -1.12
C HIS A 80 2.07 23.60 -0.86
N THR A 81 2.91 22.86 -0.19
CA THR A 81 4.27 23.38 0.08
C THR A 81 4.86 23.88 -1.24
N GLY A 82 4.84 23.06 -2.25
CA GLY A 82 5.38 23.46 -3.57
C GLY A 82 6.44 22.44 -4.03
ZN ZN D . 12.00 -11.30 -8.94
ZN ZN E . -13.05 -4.37 -2.20
ZN ZN F . -4.91 20.35 0.80
N SER A 1 22.87 -9.03 1.71
CA SER A 1 21.54 -8.74 1.09
C SER A 1 20.98 -10.01 0.47
N PHE A 2 19.70 -10.03 0.17
CA PHE A 2 19.08 -11.23 -0.47
C PHE A 2 18.70 -10.85 -1.89
N ASP A 3 19.12 -11.62 -2.87
CA ASP A 3 18.79 -11.25 -4.27
C ASP A 3 17.79 -12.23 -4.86
N CYS A 4 16.79 -11.67 -5.49
CA CYS A 4 15.70 -12.47 -6.13
C CYS A 4 16.26 -13.33 -7.27
N LYS A 5 15.93 -14.59 -7.25
CA LYS A 5 16.43 -15.50 -8.32
C LYS A 5 15.31 -15.79 -9.31
N ILE A 6 14.42 -14.85 -9.49
CA ILE A 6 13.27 -15.09 -10.42
C ILE A 6 13.25 -14.06 -11.52
N CYS A 7 13.72 -12.88 -11.27
CA CYS A 7 13.69 -11.84 -12.32
C CYS A 7 14.97 -11.01 -12.25
N GLY A 8 15.57 -10.89 -11.09
CA GLY A 8 16.83 -10.10 -11.01
C GLY A 8 16.71 -8.79 -10.21
N LYS A 9 16.37 -8.85 -8.95
CA LYS A 9 16.34 -7.59 -8.13
C LYS A 9 16.84 -7.94 -6.72
N SER A 10 17.45 -6.99 -6.03
CA SER A 10 18.02 -7.33 -4.69
C SER A 10 17.23 -6.69 -3.54
N PHE A 11 17.37 -7.26 -2.36
CA PHE A 11 16.64 -6.77 -1.14
C PHE A 11 17.55 -6.71 0.08
N LYS A 12 17.56 -5.56 0.72
CA LYS A 12 18.39 -5.37 1.91
C LYS A 12 17.81 -6.20 3.05
N ARG A 13 16.53 -6.55 2.97
CA ARG A 13 15.90 -7.31 4.07
C ARG A 13 15.22 -8.57 3.52
N SER A 14 15.31 -9.64 4.22
CA SER A 14 14.63 -10.87 3.74
C SER A 14 13.15 -10.55 3.62
N SER A 15 12.65 -9.71 4.51
CA SER A 15 11.22 -9.38 4.48
C SER A 15 10.86 -8.73 3.15
N THR A 16 11.58 -7.71 2.78
CA THR A 16 11.31 -7.02 1.49
C THR A 16 11.42 -8.04 0.37
N LEU A 17 12.33 -8.95 0.48
CA LEU A 17 12.44 -10.01 -0.56
C LEU A 17 11.22 -10.90 -0.44
N SER A 18 10.81 -11.21 0.76
CA SER A 18 9.62 -12.07 0.93
C SER A 18 8.45 -11.48 0.13
N THR A 19 8.16 -10.21 0.29
CA THR A 19 7.03 -9.62 -0.49
C THR A 19 7.37 -9.66 -1.97
N HIS A 20 8.61 -9.41 -2.30
CA HIS A 20 9.03 -9.47 -3.73
C HIS A 20 8.79 -10.90 -4.23
N LEU A 21 9.12 -11.89 -3.44
CA LEU A 21 8.89 -13.28 -3.87
C LEU A 21 7.39 -13.45 -4.05
N LEU A 22 6.63 -12.79 -3.22
CA LEU A 22 5.17 -12.88 -3.36
C LEU A 22 4.80 -12.23 -4.68
N ILE A 23 5.53 -11.25 -5.16
CA ILE A 23 5.17 -10.67 -6.48
C ILE A 23 5.24 -11.81 -7.48
N HIS A 24 6.21 -12.65 -7.36
CA HIS A 24 6.27 -13.81 -8.30
C HIS A 24 5.18 -14.82 -7.92
N SER A 25 5.21 -15.37 -6.74
CA SER A 25 4.19 -16.39 -6.31
C SER A 25 2.77 -15.80 -6.31
N ASP A 26 2.63 -14.52 -6.53
CA ASP A 26 1.28 -13.88 -6.46
C ASP A 26 0.53 -14.41 -5.24
N THR A 27 1.04 -14.14 -4.06
CA THR A 27 0.37 -14.63 -2.81
C THR A 27 -0.45 -13.49 -2.20
N ARG A 28 -1.75 -13.62 -2.24
CA ARG A 28 -2.61 -12.53 -1.68
C ARG A 28 -3.58 -13.10 -0.64
N PRO A 29 -3.10 -13.33 0.56
CA PRO A 29 -3.92 -13.89 1.67
C PRO A 29 -4.81 -12.82 2.32
N TYR A 30 -4.89 -11.65 1.73
CA TYR A 30 -5.72 -10.56 2.32
C TYR A 30 -6.81 -10.17 1.33
N PRO A 31 -7.91 -10.88 1.36
CA PRO A 31 -9.05 -10.62 0.44
C PRO A 31 -9.97 -9.52 0.94
N CYS A 32 -10.48 -8.72 0.06
CA CYS A 32 -11.37 -7.62 0.50
C CYS A 32 -12.66 -8.20 1.06
N GLN A 33 -13.24 -7.51 1.99
CA GLN A 33 -14.50 -8.02 2.61
C GLN A 33 -15.72 -7.59 1.84
N TYR A 34 -15.70 -6.53 1.06
CA TYR A 34 -16.95 -6.17 0.35
C TYR A 34 -16.89 -6.57 -1.13
N CYS A 35 -16.07 -5.93 -1.93
CA CYS A 35 -16.04 -6.31 -3.38
C CYS A 35 -15.15 -7.55 -3.62
N GLY A 36 -14.21 -7.86 -2.76
CA GLY A 36 -13.43 -9.15 -2.94
C GLY A 36 -12.00 -9.01 -3.53
N LYS A 37 -11.52 -7.87 -3.94
CA LYS A 37 -10.12 -7.87 -4.50
C LYS A 37 -9.20 -8.68 -3.55
N ARG A 38 -8.09 -9.19 -4.04
CA ARG A 38 -7.15 -9.98 -3.19
C ARG A 38 -5.86 -9.15 -3.03
N PHE A 39 -5.44 -8.84 -1.81
CA PHE A 39 -4.20 -8.04 -1.63
C PHE A 39 -3.11 -8.89 -0.97
N HIS A 40 -1.90 -8.43 -1.03
CA HIS A 40 -0.76 -9.16 -0.43
C HIS A 40 -0.32 -8.53 0.90
N GLN A 41 -0.87 -7.40 1.28
CA GLN A 41 -0.42 -6.79 2.58
C GLN A 41 -1.65 -6.35 3.41
N LYS A 42 -1.82 -6.91 4.60
CA LYS A 42 -2.99 -6.54 5.47
C LYS A 42 -3.26 -5.03 5.42
N SER A 43 -2.32 -4.24 5.85
CA SER A 43 -2.52 -2.75 5.85
C SER A 43 -2.95 -2.22 4.49
N ASP A 44 -2.55 -2.83 3.40
CA ASP A 44 -3.03 -2.28 2.10
C ASP A 44 -4.48 -2.72 1.92
N MET A 45 -4.82 -3.93 2.28
CA MET A 45 -6.24 -4.34 2.19
C MET A 45 -7.01 -3.38 3.10
N LYS A 46 -6.50 -3.19 4.28
CA LYS A 46 -7.18 -2.30 5.24
C LYS A 46 -7.38 -0.94 4.55
N LYS A 47 -6.43 -0.51 3.78
CA LYS A 47 -6.60 0.79 3.05
C LYS A 47 -7.72 0.58 2.05
N HIS A 48 -7.81 -0.61 1.55
CA HIS A 48 -8.92 -0.95 0.62
C HIS A 48 -10.22 -0.83 1.42
N THR A 49 -10.33 -1.61 2.45
CA THR A 49 -11.53 -1.58 3.30
C THR A 49 -11.92 -0.15 3.68
N PHE A 50 -10.96 0.72 3.89
CA PHE A 50 -11.33 2.13 4.24
C PHE A 50 -11.94 2.82 3.02
N ILE A 51 -11.51 2.47 1.82
CA ILE A 51 -12.16 3.10 0.61
C ILE A 51 -13.64 2.66 0.57
N HIS A 52 -13.96 1.46 1.01
CA HIS A 52 -15.44 1.04 1.03
C HIS A 52 -16.19 1.69 2.19
N THR A 53 -15.51 1.86 3.28
CA THR A 53 -16.18 2.46 4.46
C THR A 53 -16.22 3.94 4.21
N GLY A 54 -15.42 4.36 3.28
CA GLY A 54 -15.25 5.78 3.02
C GLY A 54 -14.56 6.31 4.26
N GLU A 55 -13.33 5.95 4.46
CA GLU A 55 -12.60 6.42 5.66
C GLU A 55 -11.37 7.19 5.21
N LYS A 56 -11.18 8.37 5.71
CA LYS A 56 -9.99 9.17 5.29
C LYS A 56 -9.32 9.77 6.53
N PRO A 57 -8.56 8.98 7.24
CA PRO A 57 -7.86 9.45 8.46
C PRO A 57 -6.73 10.45 8.16
N HIS A 58 -6.50 10.77 6.90
CA HIS A 58 -5.41 11.75 6.57
C HIS A 58 -6.04 13.04 6.04
N LYS A 59 -6.35 13.97 6.90
CA LYS A 59 -7.01 15.22 6.43
C LYS A 59 -6.00 16.33 6.15
N CYS A 60 -6.16 16.97 5.04
CA CYS A 60 -5.26 18.12 4.72
C CYS A 60 -5.82 19.33 5.47
N GLN A 61 -5.06 19.88 6.37
CA GLN A 61 -5.51 21.06 7.15
C GLN A 61 -5.26 22.32 6.35
N VAL A 62 -4.95 22.17 5.11
CA VAL A 62 -4.66 23.35 4.26
C VAL A 62 -5.88 23.75 3.45
N CYS A 63 -6.29 22.91 2.54
CA CYS A 63 -7.46 23.28 1.67
C CYS A 63 -8.74 22.50 2.01
N GLY A 64 -8.72 21.51 2.89
CA GLY A 64 -10.02 20.84 3.26
C GLY A 64 -10.15 19.40 2.75
N LYS A 65 -9.30 18.93 1.87
CA LYS A 65 -9.47 17.53 1.34
C LYS A 65 -8.96 16.48 2.35
N ALA A 66 -9.26 15.22 2.11
CA ALA A 66 -8.83 14.14 3.03
C ALA A 66 -8.33 12.94 2.22
N PHE A 67 -7.42 12.17 2.76
CA PHE A 67 -6.86 11.02 1.99
C PHE A 67 -6.79 9.74 2.82
N SER A 68 -6.86 8.64 2.12
CA SER A 68 -6.78 7.31 2.79
C SER A 68 -5.32 6.98 3.05
N GLN A 69 -4.42 7.46 2.22
CA GLN A 69 -2.98 7.13 2.40
C GLN A 69 -2.14 8.38 2.68
N SER A 70 -1.13 8.24 3.47
CA SER A 70 -0.26 9.41 3.74
C SER A 70 0.42 9.80 2.43
N SER A 71 0.92 8.83 1.70
CA SER A 71 1.60 9.16 0.42
C SER A 71 0.72 10.10 -0.38
N ASN A 72 -0.56 9.85 -0.44
CA ASN A 72 -1.41 10.77 -1.21
C ASN A 72 -1.50 12.11 -0.44
N LEU A 73 -1.50 12.04 0.88
CA LEU A 73 -1.48 13.31 1.69
C LEU A 73 -0.16 14.00 1.39
N ILE A 74 0.93 13.31 1.52
CA ILE A 74 2.27 13.89 1.22
C ILE A 74 2.29 14.51 -0.18
N THR A 75 1.96 13.80 -1.22
CA THR A 75 2.00 14.45 -2.55
C THR A 75 1.05 15.64 -2.53
N HIS A 76 -0.10 15.46 -1.93
CA HIS A 76 -1.10 16.56 -1.85
C HIS A 76 -0.51 17.74 -1.05
N SER A 77 0.12 17.47 0.06
CA SER A 77 0.73 18.54 0.87
C SER A 77 1.91 19.10 0.09
N ARG A 78 2.57 18.27 -0.67
CA ARG A 78 3.71 18.75 -1.50
C ARG A 78 3.17 19.80 -2.46
N LYS A 79 2.00 19.61 -3.01
CA LYS A 79 1.47 20.64 -3.93
C LYS A 79 1.30 21.91 -3.12
N HIS A 80 0.74 21.83 -1.94
CA HIS A 80 0.60 23.08 -1.14
C HIS A 80 1.96 23.70 -0.93
N THR A 81 2.89 22.94 -0.43
CA THR A 81 4.21 23.52 -0.18
C THR A 81 4.77 24.07 -1.49
N GLY A 82 4.74 23.31 -2.57
CA GLY A 82 5.27 23.86 -3.85
C GLY A 82 6.80 23.71 -3.88
ZN ZN D . 12.05 -11.09 -8.77
ZN ZN E . -13.42 -4.24 -1.91
ZN ZN F . -4.99 20.52 0.61
N SER A 1 23.15 -8.91 1.62
CA SER A 1 21.95 -8.53 0.82
C SER A 1 21.22 -9.80 0.37
N PHE A 2 19.93 -9.69 0.12
CA PHE A 2 19.17 -10.90 -0.33
C PHE A 2 18.77 -10.76 -1.80
N ASP A 3 19.12 -11.72 -2.60
CA ASP A 3 18.79 -11.62 -4.05
C ASP A 3 17.69 -12.61 -4.45
N CYS A 4 16.86 -12.18 -5.36
CA CYS A 4 15.74 -13.03 -5.86
C CYS A 4 16.24 -13.93 -6.98
N LYS A 5 16.00 -15.20 -6.88
CA LYS A 5 16.45 -16.14 -7.94
C LYS A 5 15.30 -16.38 -8.93
N ILE A 6 14.51 -15.37 -9.23
CA ILE A 6 13.34 -15.60 -10.14
C ILE A 6 13.26 -14.56 -11.25
N CYS A 7 13.78 -13.36 -11.07
CA CYS A 7 13.71 -12.33 -12.15
C CYS A 7 15.07 -11.59 -12.27
N GLY A 8 15.76 -11.35 -11.18
CA GLY A 8 17.10 -10.67 -11.26
C GLY A 8 17.15 -9.33 -10.48
N LYS A 9 16.68 -9.29 -9.25
CA LYS A 9 16.80 -8.01 -8.45
C LYS A 9 17.23 -8.31 -7.01
N SER A 10 17.77 -7.33 -6.31
CA SER A 10 18.27 -7.58 -4.89
C SER A 10 17.50 -6.77 -3.81
N PHE A 11 17.50 -7.30 -2.59
CA PHE A 11 16.79 -6.63 -1.44
C PHE A 11 17.68 -6.53 -0.18
N LYS A 12 17.72 -5.36 0.41
CA LYS A 12 18.54 -5.13 1.63
C LYS A 12 17.84 -5.79 2.82
N ARG A 13 16.54 -5.97 2.69
CA ARG A 13 15.69 -6.53 3.79
C ARG A 13 15.04 -7.85 3.37
N SER A 14 15.03 -8.84 4.22
CA SER A 14 14.38 -10.11 3.83
C SER A 14 12.87 -9.86 3.67
N SER A 15 12.29 -8.98 4.45
CA SER A 15 10.83 -8.74 4.29
C SER A 15 10.54 -8.24 2.86
N THR A 16 11.40 -7.44 2.29
CA THR A 16 11.14 -6.98 0.89
C THR A 16 11.42 -8.15 -0.03
N LEU A 17 12.34 -9.02 0.34
CA LEU A 17 12.58 -10.22 -0.51
C LEU A 17 11.37 -11.13 -0.34
N SER A 18 10.99 -11.40 0.86
CA SER A 18 9.80 -12.24 1.09
C SER A 18 8.64 -11.71 0.24
N THR A 19 8.23 -10.49 0.47
CA THR A 19 7.11 -9.92 -0.34
C THR A 19 7.45 -10.09 -1.83
N HIS A 20 8.68 -9.94 -2.16
CA HIS A 20 9.10 -10.07 -3.57
C HIS A 20 8.93 -11.55 -4.01
N LEU A 21 9.36 -12.48 -3.19
CA LEU A 21 9.16 -13.90 -3.58
C LEU A 21 7.66 -14.07 -3.71
N LEU A 22 6.94 -13.30 -2.95
CA LEU A 22 5.46 -13.36 -3.01
C LEU A 22 5.03 -12.75 -4.35
N ILE A 23 5.79 -11.84 -4.91
CA ILE A 23 5.38 -11.29 -6.22
C ILE A 23 5.36 -12.42 -7.24
N HIS A 24 6.37 -13.25 -7.24
CA HIS A 24 6.34 -14.40 -8.19
C HIS A 24 5.26 -15.39 -7.75
N SER A 25 5.35 -15.93 -6.55
CA SER A 25 4.33 -16.91 -6.08
C SER A 25 2.93 -16.27 -6.09
N ASP A 26 2.87 -14.99 -6.25
CA ASP A 26 1.55 -14.28 -6.24
C ASP A 26 0.75 -14.70 -5.00
N THR A 27 1.31 -14.49 -3.84
CA THR A 27 0.58 -14.87 -2.58
C THR A 27 -0.26 -13.68 -2.10
N ARG A 28 -1.55 -13.73 -2.27
CA ARG A 28 -2.43 -12.60 -1.82
C ARG A 28 -3.48 -13.13 -0.83
N PRO A 29 -3.10 -13.29 0.42
CA PRO A 29 -4.01 -13.80 1.48
C PRO A 29 -4.90 -12.72 2.14
N TYR A 30 -5.03 -11.56 1.53
CA TYR A 30 -5.89 -10.49 2.12
C TYR A 30 -7.02 -10.18 1.14
N PRO A 31 -8.10 -10.92 1.21
CA PRO A 31 -9.25 -10.75 0.30
C PRO A 31 -10.20 -9.63 0.75
N CYS A 32 -10.51 -8.73 -0.14
CA CYS A 32 -11.44 -7.62 0.17
C CYS A 32 -12.69 -8.16 0.85
N GLN A 33 -13.18 -7.41 1.78
CA GLN A 33 -14.39 -7.83 2.53
C GLN A 33 -15.64 -7.46 1.74
N TYR A 34 -15.54 -6.66 0.71
CA TYR A 34 -16.76 -6.31 -0.04
C TYR A 34 -16.69 -6.79 -1.49
N CYS A 35 -15.89 -6.14 -2.32
CA CYS A 35 -15.77 -6.55 -3.77
C CYS A 35 -14.74 -7.70 -3.93
N GLY A 36 -14.51 -8.36 -2.80
CA GLY A 36 -13.56 -9.53 -2.71
C GLY A 36 -12.24 -9.36 -3.48
N LYS A 37 -11.88 -8.20 -3.99
CA LYS A 37 -10.57 -8.14 -4.71
C LYS A 37 -9.53 -8.73 -3.73
N ARG A 38 -8.30 -8.95 -4.11
CA ARG A 38 -7.34 -9.55 -3.12
C ARG A 38 -6.03 -8.75 -3.09
N PHE A 39 -5.47 -8.60 -1.90
CA PHE A 39 -4.20 -7.86 -1.74
C PHE A 39 -3.19 -8.73 -1.01
N HIS A 40 -1.96 -8.33 -1.01
CA HIS A 40 -0.89 -9.14 -0.34
C HIS A 40 -0.55 -8.56 1.04
N GLN A 41 -0.77 -7.29 1.29
CA GLN A 41 -0.40 -6.73 2.63
C GLN A 41 -1.63 -6.21 3.40
N LYS A 42 -1.94 -6.81 4.52
CA LYS A 42 -3.13 -6.36 5.33
C LYS A 42 -3.36 -4.84 5.24
N SER A 43 -2.45 -4.04 5.76
CA SER A 43 -2.61 -2.56 5.70
C SER A 43 -2.97 -2.11 4.28
N ASP A 44 -2.52 -2.81 3.28
CA ASP A 44 -2.91 -2.41 1.89
C ASP A 44 -4.39 -2.73 1.72
N MET A 45 -4.82 -3.88 2.16
CA MET A 45 -6.27 -4.20 2.05
C MET A 45 -7.03 -3.22 2.95
N LYS A 46 -6.56 -3.02 4.14
CA LYS A 46 -7.26 -2.10 5.08
C LYS A 46 -7.42 -0.78 4.36
N LYS A 47 -6.43 -0.41 3.60
CA LYS A 47 -6.54 0.85 2.82
C LYS A 47 -7.66 0.63 1.82
N HIS A 48 -7.81 -0.60 1.36
CA HIS A 48 -8.91 -0.93 0.43
C HIS A 48 -10.22 -0.84 1.22
N THR A 49 -10.37 -1.67 2.21
CA THR A 49 -11.60 -1.62 3.03
C THR A 49 -11.97 -0.19 3.34
N PHE A 50 -10.99 0.65 3.56
CA PHE A 50 -11.29 2.07 3.85
C PHE A 50 -11.86 2.72 2.59
N ILE A 51 -11.44 2.30 1.42
CA ILE A 51 -12.06 2.89 0.19
C ILE A 51 -13.55 2.51 0.15
N HIS A 52 -13.93 1.36 0.66
CA HIS A 52 -15.40 0.99 0.66
C HIS A 52 -16.15 1.73 1.77
N THR A 53 -15.48 1.96 2.87
CA THR A 53 -16.13 2.66 4.01
C THR A 53 -15.97 4.16 3.85
N GLY A 54 -15.22 4.56 2.88
CA GLY A 54 -14.89 5.98 2.72
C GLY A 54 -14.33 6.44 4.07
N GLU A 55 -13.17 5.97 4.40
CA GLU A 55 -12.52 6.37 5.68
C GLU A 55 -11.28 7.13 5.28
N LYS A 56 -11.06 8.30 5.84
CA LYS A 56 -9.88 9.09 5.41
C LYS A 56 -9.20 9.74 6.62
N PRO A 57 -8.39 8.98 7.32
CA PRO A 57 -7.66 9.47 8.53
C PRO A 57 -6.50 10.42 8.17
N HIS A 58 -6.44 10.90 6.94
CA HIS A 58 -5.33 11.84 6.58
C HIS A 58 -5.89 13.20 6.21
N LYS A 59 -6.14 14.03 7.20
CA LYS A 59 -6.74 15.35 6.92
C LYS A 59 -5.66 16.39 6.62
N CYS A 60 -5.91 17.19 5.65
CA CYS A 60 -4.96 18.28 5.30
C CYS A 60 -5.48 19.58 5.94
N GLN A 61 -4.71 20.18 6.80
CA GLN A 61 -5.15 21.42 7.49
C GLN A 61 -4.83 22.62 6.59
N VAL A 62 -4.57 22.35 5.35
CA VAL A 62 -4.24 23.45 4.41
C VAL A 62 -5.50 23.89 3.68
N CYS A 63 -6.14 22.97 3.00
CA CYS A 63 -7.37 23.29 2.25
C CYS A 63 -8.61 22.57 2.81
N GLY A 64 -8.46 21.67 3.77
CA GLY A 64 -9.70 21.02 4.36
C GLY A 64 -9.97 19.63 3.77
N LYS A 65 -9.21 19.16 2.82
CA LYS A 65 -9.54 17.82 2.23
C LYS A 65 -8.94 16.66 3.05
N ALA A 66 -9.56 15.50 2.98
CA ALA A 66 -9.06 14.30 3.74
C ALA A 66 -8.73 13.14 2.79
N PHE A 67 -7.71 12.36 3.10
CA PHE A 67 -7.32 11.24 2.19
C PHE A 67 -7.20 9.90 2.93
N SER A 68 -7.24 8.82 2.18
CA SER A 68 -7.14 7.46 2.76
C SER A 68 -5.68 7.07 2.96
N GLN A 69 -4.80 7.47 2.07
CA GLN A 69 -3.37 7.07 2.23
C GLN A 69 -2.48 8.29 2.52
N SER A 70 -1.51 8.14 3.38
CA SER A 70 -0.61 9.28 3.66
C SER A 70 0.11 9.63 2.37
N SER A 71 0.63 8.65 1.68
CA SER A 71 1.32 8.94 0.39
C SER A 71 0.48 9.93 -0.41
N ASN A 72 -0.80 9.78 -0.38
CA ASN A 72 -1.64 10.73 -1.14
C ASN A 72 -1.71 12.06 -0.36
N LEU A 73 -1.68 12.01 0.94
CA LEU A 73 -1.66 13.28 1.73
C LEU A 73 -0.26 13.91 1.51
N ILE A 74 0.78 13.16 1.75
CA ILE A 74 2.15 13.68 1.50
C ILE A 74 2.20 14.32 0.12
N THR A 75 1.81 13.63 -0.91
CA THR A 75 1.85 14.24 -2.27
C THR A 75 0.95 15.47 -2.30
N HIS A 76 -0.22 15.32 -1.77
CA HIS A 76 -1.20 16.43 -1.74
C HIS A 76 -0.57 17.65 -1.02
N SER A 77 0.04 17.47 0.14
CA SER A 77 0.68 18.63 0.80
C SER A 77 1.88 19.06 -0.04
N ARG A 78 2.53 18.10 -0.68
CA ARG A 78 3.70 18.43 -1.55
C ARG A 78 3.21 19.47 -2.53
N LYS A 79 1.96 19.42 -2.88
CA LYS A 79 1.42 20.43 -3.80
C LYS A 79 1.27 21.75 -3.05
N HIS A 80 0.66 21.77 -1.89
CA HIS A 80 0.54 23.11 -1.20
C HIS A 80 1.96 23.68 -1.03
N THR A 81 2.80 22.99 -0.30
CA THR A 81 4.18 23.51 -0.08
C THR A 81 4.84 23.70 -1.45
N GLY A 82 4.84 22.69 -2.26
CA GLY A 82 5.46 22.77 -3.61
C GLY A 82 4.39 22.48 -4.68
ZN ZN D . 12.11 -11.67 -8.52
ZN ZN E . -13.34 -4.26 -2.33
ZN ZN F . -4.89 20.43 1.04
N SER A 1 22.65 -8.74 1.57
CA SER A 1 21.26 -8.47 1.13
C SER A 1 20.66 -9.74 0.51
N PHE A 2 19.35 -9.80 0.37
CA PHE A 2 18.72 -11.02 -0.23
C PHE A 2 18.41 -10.71 -1.71
N ASP A 3 18.89 -11.55 -2.61
CA ASP A 3 18.66 -11.29 -4.08
C ASP A 3 17.66 -12.28 -4.68
N CYS A 4 16.76 -11.73 -5.46
CA CYS A 4 15.72 -12.55 -6.13
C CYS A 4 16.38 -13.59 -7.05
N LYS A 5 16.12 -14.84 -6.83
CA LYS A 5 16.74 -15.89 -7.69
C LYS A 5 15.76 -16.26 -8.82
N ILE A 6 14.93 -15.31 -9.19
CA ILE A 6 13.90 -15.53 -10.26
C ILE A 6 14.05 -14.39 -11.28
N CYS A 7 13.81 -13.19 -10.82
CA CYS A 7 13.92 -11.99 -11.70
C CYS A 7 14.88 -10.93 -11.05
N GLY A 8 15.96 -11.46 -10.60
CA GLY A 8 17.16 -10.74 -10.05
C GLY A 8 17.06 -9.27 -9.53
N LYS A 9 16.26 -8.99 -8.54
CA LYS A 9 16.27 -7.63 -7.87
C LYS A 9 16.76 -7.88 -6.41
N SER A 10 17.58 -7.00 -5.90
CA SER A 10 18.16 -7.21 -4.51
C SER A 10 17.34 -6.51 -3.42
N PHE A 11 17.27 -7.14 -2.27
CA PHE A 11 16.50 -6.58 -1.11
C PHE A 11 17.37 -6.52 0.12
N LYS A 12 17.40 -5.38 0.75
CA LYS A 12 18.22 -5.21 1.98
C LYS A 12 17.62 -6.04 3.10
N ARG A 13 16.33 -6.26 3.04
CA ARG A 13 15.66 -7.05 4.10
C ARG A 13 14.96 -8.26 3.48
N SER A 14 15.01 -9.38 4.13
CA SER A 14 14.32 -10.54 3.55
C SER A 14 12.85 -10.21 3.41
N SER A 15 12.30 -9.42 4.31
CA SER A 15 10.86 -9.09 4.24
C SER A 15 10.54 -8.52 2.86
N THR A 16 11.15 -7.41 2.52
CA THR A 16 10.89 -6.80 1.20
C THR A 16 11.12 -7.86 0.13
N LEU A 17 12.04 -8.77 0.34
CA LEU A 17 12.23 -9.82 -0.70
C LEU A 17 11.03 -10.76 -0.62
N SER A 18 10.56 -11.06 0.56
CA SER A 18 9.40 -11.98 0.67
C SER A 18 8.28 -11.44 -0.21
N THR A 19 7.95 -10.19 -0.06
CA THR A 19 6.87 -9.59 -0.89
C THR A 19 7.26 -9.70 -2.34
N HIS A 20 8.50 -9.56 -2.62
CA HIS A 20 8.95 -9.68 -4.00
C HIS A 20 8.80 -11.16 -4.42
N LEU A 21 9.08 -12.07 -3.53
CA LEU A 21 8.89 -13.49 -3.89
C LEU A 21 7.39 -13.70 -4.06
N LEU A 22 6.63 -13.06 -3.19
CA LEU A 22 5.15 -13.15 -3.29
C LEU A 22 4.80 -12.70 -4.70
N ILE A 23 5.51 -11.74 -5.25
CA ILE A 23 5.20 -11.31 -6.63
C ILE A 23 5.41 -12.52 -7.53
N HIS A 24 6.34 -13.41 -7.20
CA HIS A 24 6.53 -14.62 -8.09
C HIS A 24 5.61 -15.77 -7.67
N SER A 25 5.12 -15.74 -6.47
CA SER A 25 4.22 -16.82 -6.01
C SER A 25 2.79 -16.30 -6.10
N ASP A 26 2.66 -15.10 -6.61
CA ASP A 26 1.34 -14.46 -6.75
C ASP A 26 0.52 -14.75 -5.49
N THR A 27 1.07 -14.43 -4.35
CA THR A 27 0.36 -14.70 -3.07
C THR A 27 -0.34 -13.43 -2.61
N ARG A 28 -1.65 -13.41 -2.65
CA ARG A 28 -2.41 -12.22 -2.22
C ARG A 28 -3.50 -12.68 -1.24
N PRO A 29 -3.10 -13.22 -0.11
CA PRO A 29 -4.08 -13.76 0.89
C PRO A 29 -4.85 -12.67 1.65
N TYR A 30 -4.88 -11.46 1.16
CA TYR A 30 -5.63 -10.39 1.87
C TYR A 30 -6.83 -9.95 1.00
N PRO A 31 -7.91 -10.70 1.03
CA PRO A 31 -9.10 -10.39 0.21
C PRO A 31 -10.00 -9.30 0.79
N CYS A 32 -10.36 -8.34 0.00
CA CYS A 32 -11.24 -7.24 0.48
C CYS A 32 -12.55 -7.80 1.01
N GLN A 33 -13.14 -7.14 1.97
CA GLN A 33 -14.40 -7.62 2.59
C GLN A 33 -15.65 -7.21 1.77
N TYR A 34 -15.56 -6.29 0.84
CA TYR A 34 -16.82 -5.93 0.08
C TYR A 34 -16.77 -6.29 -1.41
N CYS A 35 -15.73 -5.92 -2.14
CA CYS A 35 -15.70 -6.25 -3.61
C CYS A 35 -14.76 -7.43 -3.89
N GLY A 36 -14.25 -8.06 -2.87
CA GLY A 36 -13.39 -9.26 -3.05
C GLY A 36 -11.98 -8.97 -3.57
N LYS A 37 -11.61 -7.73 -3.85
CA LYS A 37 -10.22 -7.49 -4.36
C LYS A 37 -9.24 -8.36 -3.55
N ARG A 38 -8.04 -8.51 -4.03
CA ARG A 38 -7.04 -9.33 -3.30
C ARG A 38 -5.77 -8.49 -3.14
N PHE A 39 -5.20 -8.48 -1.95
CA PHE A 39 -3.97 -7.69 -1.72
C PHE A 39 -2.91 -8.60 -1.11
N HIS A 40 -1.72 -8.08 -0.94
CA HIS A 40 -0.61 -8.89 -0.36
C HIS A 40 -0.17 -8.30 0.98
N GLN A 41 -0.67 -7.15 1.37
CA GLN A 41 -0.25 -6.56 2.68
C GLN A 41 -1.48 -6.12 3.46
N LYS A 42 -1.66 -6.61 4.66
CA LYS A 42 -2.87 -6.24 5.45
C LYS A 42 -3.16 -4.75 5.30
N SER A 43 -2.29 -3.92 5.78
CA SER A 43 -2.52 -2.45 5.71
C SER A 43 -2.92 -2.02 4.30
N ASP A 44 -2.42 -2.68 3.29
CA ASP A 44 -2.85 -2.30 1.91
C ASP A 44 -4.32 -2.63 1.77
N MET A 45 -4.74 -3.79 2.15
CA MET A 45 -6.19 -4.09 2.07
C MET A 45 -6.93 -3.14 3.00
N LYS A 46 -6.47 -3.00 4.21
CA LYS A 46 -7.19 -2.11 5.17
C LYS A 46 -7.37 -0.74 4.52
N LYS A 47 -6.37 -0.26 3.84
CA LYS A 47 -6.51 1.05 3.16
C LYS A 47 -7.61 0.90 2.11
N HIS A 48 -7.69 -0.27 1.55
CA HIS A 48 -8.76 -0.54 0.57
C HIS A 48 -10.09 -0.54 1.35
N THR A 49 -10.24 -1.44 2.29
CA THR A 49 -11.49 -1.48 3.09
C THR A 49 -11.89 -0.04 3.45
N PHE A 50 -10.95 0.81 3.67
CA PHE A 50 -11.30 2.21 4.01
C PHE A 50 -11.90 2.89 2.77
N ILE A 51 -11.46 2.53 1.59
CA ILE A 51 -12.12 3.12 0.37
C ILE A 51 -13.60 2.69 0.39
N HIS A 52 -13.94 1.52 0.87
CA HIS A 52 -15.40 1.18 0.94
C HIS A 52 -16.05 1.94 2.11
N THR A 53 -15.27 2.25 3.12
CA THR A 53 -15.85 2.95 4.33
C THR A 53 -15.73 4.48 4.16
N GLY A 54 -15.13 4.91 3.07
CA GLY A 54 -14.91 6.38 2.83
C GLY A 54 -14.24 7.01 4.07
N GLU A 55 -13.67 6.21 4.93
CA GLU A 55 -13.08 6.74 6.20
C GLU A 55 -11.73 7.47 6.07
N LYS A 56 -11.39 7.93 4.91
CA LYS A 56 -10.07 8.62 4.71
C LYS A 56 -9.56 9.23 6.05
N PRO A 57 -8.69 8.53 6.75
CA PRO A 57 -8.14 9.01 8.06
C PRO A 57 -7.03 10.06 7.88
N HIS A 58 -6.44 10.12 6.73
CA HIS A 58 -5.36 11.13 6.52
C HIS A 58 -6.03 12.46 6.20
N LYS A 59 -6.09 13.36 7.15
CA LYS A 59 -6.78 14.66 6.87
C LYS A 59 -5.79 15.79 6.67
N CYS A 60 -5.79 16.37 5.52
CA CYS A 60 -4.88 17.51 5.26
C CYS A 60 -5.53 18.80 5.80
N GLN A 61 -4.86 19.53 6.65
CA GLN A 61 -5.46 20.76 7.25
C GLN A 61 -5.02 22.02 6.50
N VAL A 62 -4.47 21.87 5.35
CA VAL A 62 -4.07 23.06 4.56
C VAL A 62 -5.28 23.46 3.76
N CYS A 63 -6.02 22.48 3.34
CA CYS A 63 -7.24 22.70 2.54
C CYS A 63 -8.41 22.04 3.26
N GLY A 64 -8.15 20.98 3.98
CA GLY A 64 -9.23 20.28 4.75
C GLY A 64 -9.69 19.01 4.02
N LYS A 65 -8.97 18.53 3.04
CA LYS A 65 -9.43 17.33 2.29
C LYS A 65 -8.77 16.04 2.81
N ALA A 66 -9.57 15.04 3.05
CA ALA A 66 -9.07 13.74 3.62
C ALA A 66 -8.64 12.72 2.56
N PHE A 67 -7.65 11.91 2.91
CA PHE A 67 -7.08 10.88 1.98
C PHE A 67 -7.03 9.50 2.64
N SER A 68 -7.13 8.48 1.82
CA SER A 68 -7.08 7.08 2.34
C SER A 68 -5.63 6.62 2.43
N GLN A 69 -4.70 7.37 1.89
CA GLN A 69 -3.28 6.92 1.92
C GLN A 69 -2.36 8.05 2.38
N SER A 70 -1.34 7.74 3.14
CA SER A 70 -0.42 8.82 3.54
C SER A 70 0.30 9.29 2.27
N SER A 71 0.74 8.38 1.44
CA SER A 71 1.45 8.79 0.19
C SER A 71 0.60 9.80 -0.57
N ASN A 72 -0.67 9.58 -0.67
CA ASN A 72 -1.49 10.57 -1.42
C ASN A 72 -1.55 11.86 -0.60
N LEU A 73 -1.49 11.74 0.70
CA LEU A 73 -1.49 12.97 1.55
C LEU A 73 -0.13 13.64 1.42
N ILE A 74 0.94 12.87 1.43
CA ILE A 74 2.29 13.48 1.29
C ILE A 74 2.37 14.22 -0.04
N THR A 75 2.07 13.57 -1.14
CA THR A 75 2.14 14.27 -2.45
C THR A 75 1.11 15.40 -2.46
N HIS A 76 -0.10 15.11 -2.08
CA HIS A 76 -1.13 16.15 -2.04
C HIS A 76 -0.57 17.35 -1.23
N SER A 77 0.02 17.06 -0.11
CA SER A 77 0.62 18.14 0.71
C SER A 77 1.79 18.73 -0.06
N ARG A 78 2.52 17.90 -0.77
CA ARG A 78 3.66 18.44 -1.56
C ARG A 78 3.11 19.52 -2.46
N LYS A 79 1.91 19.36 -2.95
CA LYS A 79 1.35 20.43 -3.81
C LYS A 79 1.21 21.69 -2.97
N HIS A 80 0.71 21.61 -1.76
CA HIS A 80 0.64 22.89 -0.98
C HIS A 80 2.06 23.46 -0.88
N THR A 81 2.96 22.75 -0.25
CA THR A 81 4.36 23.24 -0.10
C THR A 81 5.13 23.00 -1.39
N GLY A 82 4.44 22.83 -2.49
CA GLY A 82 5.13 22.58 -3.79
C GLY A 82 6.33 21.64 -3.57
ZN ZN D . 11.96 -11.45 -8.78
ZN ZN E . -13.18 -3.92 -2.12
ZN ZN F . -4.43 19.81 1.40
N SER A 1 22.71 -9.46 1.53
CA SER A 1 21.41 -9.04 0.96
C SER A 1 20.64 -10.29 0.48
N PHE A 2 19.36 -10.14 0.22
CA PHE A 2 18.55 -11.30 -0.24
C PHE A 2 18.00 -11.03 -1.64
N ASP A 3 18.27 -11.91 -2.57
CA ASP A 3 17.78 -11.71 -3.95
C ASP A 3 16.66 -12.72 -4.26
N CYS A 4 15.69 -12.27 -5.00
CA CYS A 4 14.55 -13.16 -5.38
C CYS A 4 15.07 -14.25 -6.31
N LYS A 5 15.99 -13.90 -7.16
CA LYS A 5 16.60 -14.89 -8.11
C LYS A 5 15.63 -15.19 -9.24
N ILE A 6 14.36 -14.99 -9.02
CA ILE A 6 13.38 -15.28 -10.10
C ILE A 6 13.57 -14.27 -11.24
N CYS A 7 13.27 -13.01 -11.00
CA CYS A 7 13.42 -12.00 -12.08
C CYS A 7 14.79 -11.33 -11.99
N GLY A 8 15.39 -11.32 -10.82
CA GLY A 8 16.75 -10.73 -10.67
C GLY A 8 16.73 -9.41 -9.87
N LYS A 9 15.94 -9.30 -8.84
CA LYS A 9 15.95 -8.03 -8.03
C LYS A 9 16.47 -8.36 -6.62
N SER A 10 17.03 -7.40 -5.94
CA SER A 10 17.61 -7.67 -4.59
C SER A 10 16.82 -6.97 -3.48
N PHE A 11 17.04 -7.41 -2.26
CA PHE A 11 16.31 -6.82 -1.10
C PHE A 11 17.23 -6.69 0.11
N LYS A 12 17.32 -5.50 0.62
CA LYS A 12 18.16 -5.22 1.81
C LYS A 12 17.54 -5.90 3.03
N ARG A 13 16.22 -6.00 3.01
CA ARG A 13 15.47 -6.61 4.15
C ARG A 13 14.74 -7.87 3.67
N SER A 14 14.84 -8.93 4.39
CA SER A 14 14.15 -10.17 3.93
C SER A 14 12.65 -9.91 3.81
N SER A 15 12.07 -9.03 4.60
CA SER A 15 10.60 -8.82 4.47
C SER A 15 10.29 -8.25 3.08
N THR A 16 11.01 -7.26 2.65
CA THR A 16 10.73 -6.70 1.29
C THR A 16 10.97 -7.82 0.29
N LEU A 17 11.89 -8.72 0.58
CA LEU A 17 12.11 -9.86 -0.35
C LEU A 17 10.93 -10.81 -0.18
N SER A 18 10.42 -10.95 1.01
CA SER A 18 9.26 -11.87 1.20
C SER A 18 8.14 -11.41 0.27
N THR A 19 7.70 -10.19 0.42
CA THR A 19 6.61 -9.67 -0.45
C THR A 19 7.02 -9.80 -1.92
N HIS A 20 8.25 -9.56 -2.23
CA HIS A 20 8.69 -9.70 -3.64
C HIS A 20 8.58 -11.19 -4.03
N LEU A 21 9.04 -12.07 -3.18
CA LEU A 21 8.92 -13.51 -3.53
C LEU A 21 7.44 -13.79 -3.66
N LEU A 22 6.65 -13.05 -2.92
CA LEU A 22 5.18 -13.23 -3.02
C LEU A 22 4.79 -12.79 -4.41
N ILE A 23 5.49 -11.86 -5.00
CA ILE A 23 5.11 -11.44 -6.39
C ILE A 23 5.34 -12.63 -7.31
N HIS A 24 6.37 -13.42 -7.10
CA HIS A 24 6.57 -14.58 -8.02
C HIS A 24 5.68 -15.76 -7.61
N SER A 25 5.35 -15.89 -6.35
CA SER A 25 4.46 -17.02 -5.92
C SER A 25 3.01 -16.53 -5.95
N ASP A 26 2.84 -15.28 -6.27
CA ASP A 26 1.49 -14.66 -6.32
C ASP A 26 0.68 -15.07 -5.09
N THR A 27 1.11 -14.65 -3.93
CA THR A 27 0.36 -14.99 -2.69
C THR A 27 -0.41 -13.74 -2.23
N ARG A 28 -1.71 -13.79 -2.29
CA ARG A 28 -2.52 -12.61 -1.86
C ARG A 28 -3.51 -13.05 -0.79
N PRO A 29 -3.04 -13.33 0.39
CA PRO A 29 -3.91 -13.80 1.51
C PRO A 29 -4.79 -12.70 2.12
N TYR A 30 -4.84 -11.54 1.51
CA TYR A 30 -5.68 -10.44 2.07
C TYR A 30 -6.81 -10.14 1.08
N PRO A 31 -7.86 -10.91 1.12
CA PRO A 31 -9.02 -10.74 0.19
C PRO A 31 -9.91 -9.57 0.57
N CYS A 32 -10.34 -8.80 -0.39
CA CYS A 32 -11.22 -7.66 -0.07
C CYS A 32 -12.52 -8.22 0.49
N GLN A 33 -13.03 -7.62 1.53
CA GLN A 33 -14.28 -8.13 2.15
C GLN A 33 -15.50 -7.70 1.33
N TYR A 34 -15.36 -6.75 0.44
CA TYR A 34 -16.56 -6.31 -0.34
C TYR A 34 -16.47 -6.73 -1.81
N CYS A 35 -15.62 -6.07 -2.58
CA CYS A 35 -15.53 -6.43 -4.04
C CYS A 35 -14.58 -7.62 -4.27
N GLY A 36 -14.02 -8.16 -3.22
CA GLY A 36 -13.15 -9.39 -3.37
C GLY A 36 -11.71 -9.10 -3.83
N LYS A 37 -11.41 -7.91 -4.28
CA LYS A 37 -10.00 -7.65 -4.71
C LYS A 37 -9.04 -8.16 -3.62
N ARG A 38 -8.17 -9.09 -3.95
CA ARG A 38 -7.23 -9.64 -2.93
C ARG A 38 -5.85 -8.98 -3.02
N PHE A 39 -5.28 -8.62 -1.91
CA PHE A 39 -3.94 -7.98 -1.90
C PHE A 39 -2.92 -8.87 -1.20
N HIS A 40 -1.68 -8.47 -1.24
CA HIS A 40 -0.60 -9.27 -0.57
C HIS A 40 -0.12 -8.59 0.70
N GLN A 41 -0.37 -7.31 0.88
CA GLN A 41 0.11 -6.64 2.14
C GLN A 41 -1.10 -6.18 2.96
N LYS A 42 -1.33 -6.79 4.08
CA LYS A 42 -2.50 -6.40 4.94
C LYS A 42 -2.74 -4.89 4.87
N SER A 43 -1.74 -4.11 5.19
CA SER A 43 -1.91 -2.62 5.18
C SER A 43 -2.39 -2.13 3.81
N ASP A 44 -2.00 -2.77 2.74
CA ASP A 44 -2.51 -2.30 1.42
C ASP A 44 -3.98 -2.67 1.32
N MET A 45 -4.39 -3.81 1.83
CA MET A 45 -5.83 -4.14 1.79
C MET A 45 -6.57 -3.17 2.71
N LYS A 46 -6.08 -2.98 3.91
CA LYS A 46 -6.78 -2.05 4.84
C LYS A 46 -7.02 -0.75 4.09
N LYS A 47 -6.06 -0.32 3.34
CA LYS A 47 -6.26 0.92 2.55
C LYS A 47 -7.42 0.65 1.60
N HIS A 48 -7.51 -0.56 1.15
CA HIS A 48 -8.63 -0.93 0.27
C HIS A 48 -9.93 -0.87 1.11
N THR A 49 -10.05 -1.77 2.05
CA THR A 49 -11.25 -1.78 2.94
C THR A 49 -11.63 -0.34 3.33
N PHE A 50 -10.68 0.52 3.46
CA PHE A 50 -11.00 1.93 3.85
C PHE A 50 -11.70 2.62 2.66
N ILE A 51 -11.29 2.31 1.45
CA ILE A 51 -11.99 2.94 0.28
C ILE A 51 -13.46 2.46 0.29
N HIS A 52 -13.75 1.27 0.80
CA HIS A 52 -15.20 0.86 0.85
C HIS A 52 -15.89 1.50 2.07
N THR A 53 -15.13 1.74 3.12
CA THR A 53 -15.72 2.29 4.40
C THR A 53 -15.70 3.82 4.44
N GLY A 54 -15.24 4.43 3.39
CA GLY A 54 -15.11 5.92 3.39
C GLY A 54 -14.19 6.30 4.55
N GLU A 55 -13.00 5.76 4.58
CA GLU A 55 -12.07 6.07 5.69
C GLU A 55 -10.87 6.85 5.16
N LYS A 56 -10.59 7.96 5.79
CA LYS A 56 -9.45 8.82 5.36
C LYS A 56 -8.79 9.42 6.61
N PRO A 57 -8.17 8.60 7.43
CA PRO A 57 -7.51 9.08 8.69
C PRO A 57 -6.42 10.11 8.42
N HIS A 58 -6.02 10.29 7.18
CA HIS A 58 -4.98 11.32 6.90
C HIS A 58 -5.69 12.57 6.35
N LYS A 59 -6.07 13.48 7.21
CA LYS A 59 -6.81 14.70 6.75
C LYS A 59 -5.83 15.85 6.47
N CYS A 60 -5.90 16.39 5.29
CA CYS A 60 -5.01 17.51 4.88
C CYS A 60 -4.88 18.54 6.03
N GLN A 61 -5.74 19.56 6.04
CA GLN A 61 -5.71 20.63 7.13
C GLN A 61 -5.52 22.01 6.52
N VAL A 62 -5.00 22.05 5.34
CA VAL A 62 -4.75 23.32 4.65
C VAL A 62 -5.99 23.74 3.89
N CYS A 63 -6.59 22.78 3.23
CA CYS A 63 -7.80 23.07 2.43
C CYS A 63 -8.96 22.18 2.90
N GLY A 64 -8.71 21.27 3.80
CA GLY A 64 -9.81 20.41 4.33
C GLY A 64 -10.10 19.22 3.40
N LYS A 65 -9.12 18.72 2.70
CA LYS A 65 -9.35 17.52 1.85
C LYS A 65 -8.77 16.34 2.64
N ALA A 66 -9.19 15.13 2.39
CA ALA A 66 -8.66 14.00 3.23
C ALA A 66 -8.20 12.80 2.39
N PHE A 67 -7.25 12.07 2.92
CA PHE A 67 -6.70 10.91 2.16
C PHE A 67 -6.57 9.66 3.05
N SER A 68 -6.91 8.54 2.49
CA SER A 68 -6.77 7.25 3.23
C SER A 68 -5.29 6.97 3.38
N GLN A 69 -4.53 7.50 2.46
CA GLN A 69 -3.05 7.22 2.47
C GLN A 69 -2.21 8.48 2.71
N SER A 70 -1.07 8.31 3.29
CA SER A 70 -0.16 9.46 3.45
C SER A 70 0.53 9.71 2.11
N SER A 71 1.02 8.69 1.47
CA SER A 71 1.66 8.90 0.15
C SER A 71 0.82 9.91 -0.61
N ASN A 72 -0.47 9.78 -0.51
CA ASN A 72 -1.36 10.74 -1.20
C ASN A 72 -1.44 12.02 -0.36
N LEU A 73 -1.36 11.93 0.95
CA LEU A 73 -1.40 13.18 1.78
C LEU A 73 -0.05 13.92 1.61
N ILE A 74 1.04 13.22 1.59
CA ILE A 74 2.35 13.86 1.39
C ILE A 74 2.34 14.58 0.04
N THR A 75 1.98 13.90 -1.01
CA THR A 75 1.94 14.59 -2.34
C THR A 75 0.95 15.75 -2.30
N HIS A 76 -0.21 15.51 -1.77
CA HIS A 76 -1.24 16.58 -1.69
C HIS A 76 -0.64 17.76 -0.89
N SER A 77 0.09 17.45 0.14
CA SER A 77 0.74 18.53 0.94
C SER A 77 1.89 19.14 0.11
N ARG A 78 2.55 18.33 -0.68
CA ARG A 78 3.65 18.87 -1.54
C ARG A 78 3.04 19.95 -2.42
N LYS A 79 1.80 19.80 -2.79
CA LYS A 79 1.17 20.84 -3.62
C LYS A 79 0.99 22.09 -2.76
N HIS A 80 0.45 21.96 -1.57
CA HIS A 80 0.32 23.20 -0.74
C HIS A 80 1.70 23.83 -0.55
N THR A 81 2.64 23.07 -0.03
CA THR A 81 3.98 23.65 0.22
C THR A 81 4.53 24.20 -1.10
N GLY A 82 4.55 23.40 -2.12
CA GLY A 82 5.06 23.89 -3.44
C GLY A 82 5.59 22.71 -4.26
ZN ZN D . 11.89 -11.12 -8.66
ZN ZN E . -13.05 -4.21 -2.50
ZN ZN F . -5.11 20.36 1.18
#